data_2ZY9
#
_entry.id   2ZY9
#
_cell.length_a   135.364
_cell.length_b   76.527
_cell.length_c   160.037
_cell.angle_alpha   90.00
_cell.angle_beta   102.17
_cell.angle_gamma   90.00
#
_symmetry.space_group_name_H-M   'C 1 2 1'
#
loop_
_entity.id
_entity.type
_entity.pdbx_description
1 polymer 'Mg2+ transporter MgtE'
2 non-polymer 'MAGNESIUM ION'
#
_entity_poly.entity_id   1
_entity_poly.type   'polypeptide(L)'
_entity_poly.pdbx_seq_one_letter_code
;MGSSHHHHHHSSGLGVLPGGPLHMEEKLAVSLQEALQEGDTRALREVLEEIHPQDLLALWDELKGEHRYVVLTLLPKAKA
AEVLSHLSPEEQAEYLKTLPPWRLREILEELSLDDLADALQAVRKEDPAYFQRLKDLLDPRTRAEVEALARYEEDEAGGL
MTPEYVAVREGMTVEEVLRFLRRAAPDAETIYYIYVVDEKGRLKGVLSLRDLIVADPRTRVAEIMNPKVVYVRTDTDQEE
VARLMADYDFTVLPVVDEEGRLVGIVTVDDVLDVLEAEATEDIHKLGAVDVPDLVYSEAGPVALWLARVRWLVILILTGM
VTSSILQGFESVLEAVTALAFYVPVLLGTGGNTGNQSATLIIRALATRDLDLRDWRRVFLKEMGVGLLLGLTLSFLLVGK
VYWDGHPLLLPVVGVSLVLIVFFANLVGAMLPFLLRRLGVDPALVSNPLVATLSDVTGLLIYLSVARLLLEAV
;
_entity_poly.pdbx_strand_id   A,B
#
# COMPACT_ATOMS: atom_id res chain seq x y z
N GLU A 46 -34.88 -18.09 -13.04
CA GLU A 46 -34.36 -18.72 -11.84
C GLU A 46 -33.20 -17.92 -11.23
N VAL A 47 -31.97 -18.31 -11.59
CA VAL A 47 -30.77 -17.71 -11.01
C VAL A 47 -30.10 -16.73 -11.97
N LEU A 48 -30.55 -16.72 -13.22
CA LEU A 48 -30.03 -15.77 -14.21
C LEU A 48 -30.26 -14.33 -13.76
N GLU A 49 -30.97 -14.16 -12.66
CA GLU A 49 -31.17 -12.86 -12.04
C GLU A 49 -30.78 -12.92 -10.56
N GLU A 50 -30.36 -14.09 -10.12
CA GLU A 50 -29.96 -14.31 -8.73
C GLU A 50 -28.47 -14.06 -8.51
N ILE A 51 -27.64 -14.51 -9.45
CA ILE A 51 -26.19 -14.39 -9.32
C ILE A 51 -25.69 -12.96 -9.54
N HIS A 52 -24.75 -12.55 -8.69
CA HIS A 52 -24.11 -11.24 -8.78
C HIS A 52 -22.87 -11.37 -9.67
N PRO A 53 -22.48 -10.27 -10.33
CA PRO A 53 -21.24 -10.26 -11.11
C PRO A 53 -20.04 -10.73 -10.30
N GLN A 54 -19.92 -10.25 -9.07
CA GLN A 54 -18.78 -10.62 -8.20
C GLN A 54 -18.67 -12.12 -8.00
N ASP A 55 -19.81 -12.77 -7.80
CA ASP A 55 -19.85 -14.23 -7.65
C ASP A 55 -19.10 -14.89 -8.80
N LEU A 56 -19.42 -14.47 -10.03
CA LEU A 56 -18.76 -15.00 -11.21
C LEU A 56 -17.31 -14.54 -11.30
N LEU A 57 -17.03 -13.36 -10.75
CA LEU A 57 -15.66 -12.84 -10.73
C LEU A 57 -14.75 -13.73 -9.89
N ALA A 58 -15.11 -13.87 -8.61
CA ALA A 58 -14.30 -14.65 -7.68
C ALA A 58 -13.94 -16.03 -8.21
N LEU A 59 -14.92 -16.75 -8.74
CA LEU A 59 -14.71 -18.09 -9.24
C LEU A 59 -14.12 -18.10 -10.66
N TRP A 60 -13.82 -16.91 -11.17
CA TRP A 60 -13.20 -16.77 -12.48
C TRP A 60 -11.84 -17.43 -12.47
N ASP A 61 -11.17 -17.33 -11.33
CA ASP A 61 -9.83 -17.86 -11.13
C ASP A 61 -9.79 -19.38 -11.32
N GLU A 62 -10.94 -20.02 -11.14
CA GLU A 62 -11.04 -21.47 -11.24
C GLU A 62 -12.10 -21.90 -12.24
N LEU A 63 -12.23 -21.17 -13.34
CA LEU A 63 -13.24 -21.46 -14.35
C LEU A 63 -12.62 -21.68 -15.73
N LYS A 64 -13.13 -22.66 -16.45
CA LYS A 64 -12.61 -22.98 -17.78
C LYS A 64 -12.97 -21.89 -18.79
N GLY A 65 -11.98 -21.51 -19.61
CA GLY A 65 -12.14 -20.44 -20.57
C GLY A 65 -13.42 -20.47 -21.37
N GLU A 66 -13.78 -21.66 -21.86
CA GLU A 66 -15.01 -21.82 -22.64
C GLU A 66 -16.24 -21.49 -21.80
N HIS A 67 -16.36 -22.16 -20.65
CA HIS A 67 -17.44 -21.88 -19.72
C HIS A 67 -17.51 -20.39 -19.41
N ARG A 68 -16.36 -19.81 -19.12
CA ARG A 68 -16.24 -18.37 -18.89
C ARG A 68 -16.78 -17.60 -20.08
N TYR A 69 -16.38 -18.04 -21.28
CA TYR A 69 -16.80 -17.39 -22.51
C TYR A 69 -18.32 -17.32 -22.65
N VAL A 70 -18.98 -18.46 -22.49
CA VAL A 70 -20.43 -18.54 -22.64
C VAL A 70 -21.14 -17.66 -21.61
N VAL A 71 -20.60 -17.65 -20.39
CA VAL A 71 -21.17 -16.84 -19.32
C VAL A 71 -21.11 -15.35 -19.65
N LEU A 72 -20.40 -15.02 -20.73
CA LEU A 72 -20.39 -13.65 -21.23
C LEU A 72 -21.51 -13.41 -22.23
N THR A 73 -21.88 -14.46 -22.96
CA THR A 73 -22.96 -14.37 -23.93
C THR A 73 -24.32 -14.54 -23.25
N LEU A 74 -24.34 -15.24 -22.13
CA LEU A 74 -25.58 -15.62 -21.47
C LEU A 74 -26.15 -14.55 -20.55
N LEU A 75 -25.32 -14.03 -19.65
CA LEU A 75 -25.76 -13.06 -18.67
C LEU A 75 -26.57 -11.90 -19.28
N PRO A 76 -27.34 -11.20 -18.46
CA PRO A 76 -27.88 -9.89 -18.83
C PRO A 76 -26.79 -9.00 -19.42
N LYS A 77 -27.18 -8.03 -20.25
CA LYS A 77 -26.22 -7.10 -20.84
C LYS A 77 -25.37 -6.42 -19.76
N ALA A 78 -26.04 -5.87 -18.75
CA ALA A 78 -25.37 -5.12 -17.69
C ALA A 78 -24.44 -5.98 -16.83
N LYS A 79 -24.83 -7.22 -16.58
CA LYS A 79 -24.01 -8.12 -15.80
C LYS A 79 -22.83 -8.63 -16.63
N ALA A 80 -23.07 -8.83 -17.92
CA ALA A 80 -22.02 -9.25 -18.83
C ALA A 80 -20.93 -8.18 -18.90
N ALA A 81 -21.33 -6.93 -18.72
CA ALA A 81 -20.42 -5.80 -18.83
C ALA A 81 -19.63 -5.56 -17.52
N GLU A 82 -20.27 -5.83 -16.40
CA GLU A 82 -19.65 -5.61 -15.09
C GLU A 82 -18.54 -6.63 -14.85
N VAL A 83 -18.71 -7.83 -15.40
CA VAL A 83 -17.69 -8.87 -15.27
C VAL A 83 -16.45 -8.53 -16.11
N LEU A 84 -16.67 -8.32 -17.40
CA LEU A 84 -15.60 -7.91 -18.31
C LEU A 84 -14.98 -6.59 -17.86
N SER A 85 -15.52 -6.03 -16.78
CA SER A 85 -15.06 -4.74 -16.26
C SER A 85 -13.97 -4.91 -15.21
N HIS A 86 -14.06 -5.95 -14.39
CA HIS A 86 -13.05 -6.20 -13.36
C HIS A 86 -12.13 -7.36 -13.71
N LEU A 87 -11.90 -7.56 -15.01
CA LEU A 87 -10.96 -8.58 -15.46
C LEU A 87 -9.61 -7.95 -15.81
N SER A 88 -8.56 -8.76 -15.78
CA SER A 88 -7.24 -8.28 -16.14
C SER A 88 -7.26 -7.73 -17.55
N PRO A 89 -6.66 -6.55 -17.77
CA PRO A 89 -6.58 -5.91 -19.09
C PRO A 89 -6.21 -6.88 -20.21
N GLU A 90 -5.54 -7.98 -19.86
CA GLU A 90 -5.16 -9.02 -20.82
C GLU A 90 -6.36 -9.88 -21.25
N GLU A 91 -7.17 -10.28 -20.26
CA GLU A 91 -8.37 -11.08 -20.53
C GLU A 91 -9.44 -10.23 -21.21
N GLN A 92 -9.53 -8.96 -20.79
CA GLN A 92 -10.47 -8.03 -21.40
C GLN A 92 -10.26 -8.00 -22.90
N ALA A 93 -9.05 -7.64 -23.33
CA ALA A 93 -8.73 -7.57 -24.75
C ALA A 93 -8.85 -8.95 -25.41
N GLU A 94 -8.92 -9.99 -24.59
CA GLU A 94 -9.02 -11.35 -25.09
C GLU A 94 -10.45 -11.68 -25.48
N TYR A 95 -11.40 -11.31 -24.61
CA TYR A 95 -12.81 -11.59 -24.85
C TYR A 95 -13.47 -10.59 -25.79
N LEU A 96 -12.89 -9.39 -25.88
CA LEU A 96 -13.38 -8.39 -26.82
C LEU A 96 -13.07 -8.82 -28.25
N LYS A 97 -12.15 -9.77 -28.38
CA LYS A 97 -11.80 -10.32 -29.69
C LYS A 97 -12.67 -11.52 -30.01
N THR A 98 -12.90 -12.37 -29.02
CA THR A 98 -13.65 -13.61 -29.21
C THR A 98 -15.17 -13.41 -29.31
N LEU A 99 -15.76 -12.81 -28.29
CA LEU A 99 -17.20 -12.57 -28.24
C LEU A 99 -17.76 -12.06 -29.58
N PRO A 100 -18.98 -12.50 -29.93
CA PRO A 100 -19.67 -12.13 -31.18
C PRO A 100 -19.97 -10.63 -31.25
N PRO A 101 -20.07 -10.08 -32.47
CA PRO A 101 -20.27 -8.65 -32.74
C PRO A 101 -21.53 -8.05 -32.09
N TRP A 102 -22.54 -8.87 -31.80
CA TRP A 102 -23.74 -8.35 -31.16
C TRP A 102 -23.57 -8.24 -29.65
N ARG A 103 -22.94 -9.25 -29.05
CA ARG A 103 -22.68 -9.26 -27.63
C ARG A 103 -21.53 -8.29 -27.33
N LEU A 104 -20.78 -7.98 -28.39
CA LEU A 104 -19.68 -7.03 -28.29
C LEU A 104 -20.25 -5.62 -28.12
N ARG A 105 -21.03 -5.20 -29.11
CA ARG A 105 -21.73 -3.90 -29.05
C ARG A 105 -22.60 -3.85 -27.80
N GLU A 106 -23.01 -5.03 -27.32
CA GLU A 106 -23.77 -5.13 -26.09
C GLU A 106 -22.93 -4.58 -24.94
N ILE A 107 -21.77 -5.20 -24.73
CA ILE A 107 -20.87 -4.80 -23.64
C ILE A 107 -20.45 -3.35 -23.77
N LEU A 108 -20.09 -2.93 -24.98
CA LEU A 108 -19.59 -1.58 -25.22
C LEU A 108 -20.58 -0.48 -24.85
N GLU A 109 -21.86 -0.83 -24.83
CA GLU A 109 -22.91 0.13 -24.52
C GLU A 109 -23.20 0.17 -23.02
N GLU A 110 -23.43 -1.01 -22.45
CA GLU A 110 -23.79 -1.10 -21.04
C GLU A 110 -22.56 -0.92 -20.15
N LEU A 111 -21.44 -0.55 -20.78
CA LEU A 111 -20.18 -0.34 -20.06
C LEU A 111 -19.97 1.14 -19.78
N SER A 112 -19.37 1.45 -18.63
CA SER A 112 -19.13 2.83 -18.26
C SER A 112 -18.06 3.46 -19.17
N LEU A 113 -18.13 4.77 -19.35
CA LEU A 113 -17.24 5.42 -20.32
C LEU A 113 -15.78 5.44 -19.89
N ASP A 114 -15.53 5.67 -18.61
CA ASP A 114 -14.17 5.62 -18.09
C ASP A 114 -13.66 4.17 -18.11
N ASP A 115 -14.57 3.23 -17.87
CA ASP A 115 -14.24 1.81 -17.94
C ASP A 115 -14.02 1.37 -19.38
N LEU A 116 -14.85 1.86 -20.30
CA LEU A 116 -14.73 1.50 -21.71
C LEU A 116 -13.39 1.90 -22.29
N ALA A 117 -12.90 3.08 -21.91
CA ALA A 117 -11.63 3.57 -22.38
C ALA A 117 -10.52 2.60 -21.98
N ASP A 118 -10.49 2.24 -20.70
CA ASP A 118 -9.51 1.29 -20.18
C ASP A 118 -9.51 0.03 -21.04
N ALA A 119 -10.71 -0.45 -21.39
CA ALA A 119 -10.87 -1.68 -22.15
C ALA A 119 -10.43 -1.55 -23.61
N LEU A 120 -10.81 -0.46 -24.25
CA LEU A 120 -10.37 -0.21 -25.61
C LEU A 120 -8.86 0.02 -25.64
N GLN A 121 -8.38 0.80 -24.68
CA GLN A 121 -6.94 1.06 -24.55
C GLN A 121 -6.16 -0.25 -24.39
N ALA A 122 -6.79 -1.23 -23.75
CA ALA A 122 -6.19 -2.55 -23.63
C ALA A 122 -6.01 -3.16 -25.01
N VAL A 123 -7.09 -3.21 -25.78
CA VAL A 123 -7.03 -3.72 -27.16
C VAL A 123 -6.07 -2.88 -28.00
N ARG A 124 -6.16 -1.56 -27.89
CA ARG A 124 -5.29 -0.67 -28.64
C ARG A 124 -3.85 -1.13 -28.51
N LYS A 125 -3.36 -1.16 -27.28
CA LYS A 125 -1.99 -1.60 -27.01
C LYS A 125 -1.69 -2.92 -27.71
N GLU A 126 -2.56 -3.91 -27.51
CA GLU A 126 -2.35 -5.24 -28.07
C GLU A 126 -2.53 -5.27 -29.60
N ASP A 127 -3.73 -5.64 -30.05
CA ASP A 127 -4.03 -5.71 -31.47
C ASP A 127 -4.65 -4.39 -31.96
N PRO A 128 -3.81 -3.47 -32.45
CA PRO A 128 -4.21 -2.11 -32.84
C PRO A 128 -5.14 -2.06 -34.04
N ALA A 129 -4.92 -2.93 -35.03
CA ALA A 129 -5.81 -2.99 -36.18
C ALA A 129 -7.22 -3.20 -35.70
N TYR A 130 -7.44 -4.33 -35.02
CA TYR A 130 -8.75 -4.67 -34.48
C TYR A 130 -9.28 -3.61 -33.53
N PHE A 131 -8.39 -2.78 -32.99
CA PHE A 131 -8.81 -1.71 -32.09
C PHE A 131 -9.73 -0.71 -32.79
N GLN A 132 -9.30 -0.24 -33.95
CA GLN A 132 -10.07 0.74 -34.72
C GLN A 132 -11.41 0.14 -35.17
N ARG A 133 -11.40 -1.13 -35.55
CA ARG A 133 -12.62 -1.83 -35.92
C ARG A 133 -13.53 -1.99 -34.70
N LEU A 134 -12.95 -2.41 -33.59
CA LEU A 134 -13.68 -2.56 -32.34
C LEU A 134 -14.39 -1.25 -32.02
N LYS A 135 -13.70 -0.14 -32.29
CA LYS A 135 -14.19 1.19 -31.97
C LYS A 135 -15.22 1.67 -32.99
N ASP A 136 -15.48 0.85 -34.00
CA ASP A 136 -16.45 1.20 -35.04
C ASP A 136 -17.87 0.89 -34.60
N LEU A 137 -18.01 -0.07 -33.69
CA LEU A 137 -19.33 -0.55 -33.28
C LEU A 137 -20.12 0.51 -32.51
N LEU A 138 -19.40 1.45 -31.88
CA LEU A 138 -20.03 2.49 -31.07
C LEU A 138 -20.77 3.50 -31.93
N ASP A 139 -21.58 4.33 -31.29
CA ASP A 139 -22.27 5.41 -31.99
C ASP A 139 -21.45 6.70 -31.92
N PRO A 140 -21.79 7.69 -32.77
CA PRO A 140 -21.06 8.95 -32.85
C PRO A 140 -20.75 9.58 -31.48
N ARG A 141 -21.78 9.84 -30.69
CA ARG A 141 -21.63 10.56 -29.42
C ARG A 141 -20.75 9.82 -28.42
N THR A 142 -20.87 8.50 -28.39
CA THR A 142 -20.10 7.69 -27.45
C THR A 142 -18.63 7.61 -27.86
N ARG A 143 -18.38 7.25 -29.12
CA ARG A 143 -17.01 7.17 -29.61
C ARG A 143 -16.27 8.49 -29.41
N ALA A 144 -16.91 9.59 -29.80
CA ALA A 144 -16.30 10.91 -29.63
C ALA A 144 -16.18 11.28 -28.16
N GLU A 145 -16.75 10.46 -27.30
CA GLU A 145 -16.67 10.68 -25.87
C GLU A 145 -15.49 9.86 -25.30
N VAL A 146 -15.44 8.60 -25.69
CA VAL A 146 -14.35 7.71 -25.32
C VAL A 146 -13.05 8.21 -25.91
N GLU A 147 -13.08 8.62 -27.17
CA GLU A 147 -11.90 9.14 -27.86
C GLU A 147 -11.23 10.23 -27.03
N ALA A 148 -12.03 11.09 -26.41
CA ALA A 148 -11.52 12.20 -25.62
C ALA A 148 -10.84 11.72 -24.35
N LEU A 149 -11.27 10.57 -23.85
CA LEU A 149 -10.71 10.00 -22.62
C LEU A 149 -9.32 9.40 -22.87
N ALA A 150 -9.18 8.72 -24.01
CA ALA A 150 -7.91 8.10 -24.38
C ALA A 150 -6.77 9.11 -24.48
N ARG A 151 -7.07 10.30 -24.98
CA ARG A 151 -6.05 11.34 -25.12
C ARG A 151 -5.51 11.81 -23.78
N TYR A 152 -6.05 11.26 -22.70
CA TYR A 152 -5.59 11.56 -21.36
C TYR A 152 -4.67 10.45 -20.85
N GLU A 153 -3.63 10.83 -20.12
CA GLU A 153 -2.69 9.85 -19.60
C GLU A 153 -3.37 8.90 -18.61
N GLU A 154 -3.29 7.60 -18.89
CA GLU A 154 -3.89 6.58 -18.04
C GLU A 154 -3.59 6.83 -16.56
N ASP A 155 -2.41 7.38 -16.29
CA ASP A 155 -1.94 7.58 -14.92
C ASP A 155 -2.36 8.92 -14.35
N GLU A 156 -3.10 9.71 -15.12
CA GLU A 156 -3.49 11.04 -14.64
C GLU A 156 -4.99 11.09 -14.38
N ALA A 157 -5.50 12.26 -14.04
CA ALA A 157 -6.93 12.44 -13.76
C ALA A 157 -7.79 12.07 -14.97
N GLY A 158 -7.53 12.74 -16.08
CA GLY A 158 -8.25 12.48 -17.32
C GLY A 158 -8.41 11.00 -17.60
N GLY A 159 -7.38 10.23 -17.30
CA GLY A 159 -7.41 8.80 -17.54
C GLY A 159 -8.15 8.03 -16.44
N LEU A 160 -8.73 8.76 -15.49
CA LEU A 160 -9.42 8.10 -14.39
C LEU A 160 -10.87 8.55 -14.29
N MET A 161 -11.20 9.63 -14.99
CA MET A 161 -12.51 10.27 -14.87
C MET A 161 -13.55 9.73 -15.83
N THR A 162 -14.81 9.90 -15.44
CA THR A 162 -15.95 9.63 -16.30
C THR A 162 -16.65 10.95 -16.63
N PRO A 163 -17.19 11.08 -17.85
CA PRO A 163 -17.91 12.29 -18.23
C PRO A 163 -19.35 12.28 -17.73
N GLU A 164 -19.88 11.09 -17.42
CA GLU A 164 -21.24 10.97 -16.91
C GLU A 164 -21.41 11.55 -15.51
N TYR A 165 -21.13 12.84 -15.35
CA TYR A 165 -21.37 13.53 -14.08
C TYR A 165 -22.58 14.44 -14.18
N VAL A 166 -23.33 14.56 -13.08
CA VAL A 166 -24.47 15.46 -13.03
C VAL A 166 -24.06 16.88 -12.61
N ALA A 167 -24.18 17.82 -13.55
CA ALA A 167 -23.85 19.21 -13.29
C ALA A 167 -24.98 20.13 -13.75
N VAL A 168 -25.49 20.94 -12.83
CA VAL A 168 -26.53 21.90 -13.15
C VAL A 168 -25.94 23.29 -13.34
N ARG A 169 -26.70 24.15 -14.01
CA ARG A 169 -26.30 25.55 -14.16
C ARG A 169 -26.62 26.31 -12.88
N GLU A 170 -26.21 27.57 -12.81
CA GLU A 170 -26.04 28.23 -11.52
C GLU A 170 -27.28 28.38 -10.62
N GLY A 171 -28.25 29.20 -11.05
CA GLY A 171 -29.30 29.67 -10.15
C GLY A 171 -30.62 28.93 -10.06
N MET A 172 -30.56 27.61 -9.94
CA MET A 172 -31.78 26.81 -9.79
C MET A 172 -32.18 26.65 -8.33
N THR A 173 -33.18 25.82 -8.07
CA THR A 173 -33.63 25.56 -6.70
C THR A 173 -33.54 24.08 -6.34
N VAL A 174 -33.77 23.78 -5.07
CA VAL A 174 -33.78 22.41 -4.60
C VAL A 174 -34.69 21.53 -5.43
N GLU A 175 -35.97 21.92 -5.48
CA GLU A 175 -37.01 21.15 -6.17
C GLU A 175 -36.73 21.00 -7.65
N GLU A 176 -36.14 22.03 -8.27
CA GLU A 176 -35.76 21.94 -9.67
C GLU A 176 -34.61 20.96 -9.86
N VAL A 177 -33.59 21.08 -9.01
CA VAL A 177 -32.41 20.24 -9.11
C VAL A 177 -32.79 18.77 -8.99
N LEU A 178 -33.74 18.49 -8.12
CA LEU A 178 -34.20 17.12 -7.94
C LEU A 178 -34.84 16.59 -9.22
N ARG A 179 -35.76 17.36 -9.77
CA ARG A 179 -36.43 16.96 -11.03
C ARG A 179 -35.39 16.74 -12.13
N PHE A 180 -34.34 17.56 -12.11
CA PHE A 180 -33.22 17.40 -13.04
C PHE A 180 -32.52 16.07 -12.78
N LEU A 181 -32.00 15.91 -11.56
CA LEU A 181 -31.36 14.67 -11.11
C LEU A 181 -32.12 13.44 -11.60
N ARG A 182 -33.40 13.37 -11.30
CA ARG A 182 -34.23 12.23 -11.65
C ARG A 182 -34.19 12.00 -13.16
N ARG A 183 -34.21 13.10 -13.90
CA ARG A 183 -34.26 13.02 -15.35
C ARG A 183 -32.88 12.66 -15.91
N ALA A 184 -31.84 13.00 -15.15
CA ALA A 184 -30.45 12.75 -15.56
C ALA A 184 -29.89 11.46 -14.97
N ALA A 185 -30.44 11.03 -13.85
CA ALA A 185 -29.96 9.85 -13.13
C ALA A 185 -29.70 8.60 -13.99
N PRO A 186 -30.65 8.23 -14.86
CA PRO A 186 -30.53 6.99 -15.63
C PRO A 186 -29.12 6.72 -16.19
N ASP A 187 -28.43 7.76 -16.66
CA ASP A 187 -27.15 7.57 -17.31
C ASP A 187 -25.94 8.10 -16.53
N ALA A 188 -26.19 8.79 -15.43
CA ALA A 188 -25.12 9.30 -14.59
C ALA A 188 -24.32 8.16 -13.96
N GLU A 189 -23.07 8.44 -13.59
CA GLU A 189 -22.27 7.52 -12.80
C GLU A 189 -22.76 7.61 -11.36
N THR A 190 -22.88 8.84 -10.87
CA THR A 190 -23.37 9.09 -9.53
C THR A 190 -24.19 10.38 -9.53
N ILE A 191 -25.33 10.38 -8.84
CA ILE A 191 -26.11 11.62 -8.68
C ILE A 191 -26.08 12.08 -7.24
N TYR A 192 -25.15 11.50 -6.47
CA TYR A 192 -25.00 11.82 -5.05
C TYR A 192 -24.28 13.14 -4.83
N TYR A 193 -23.49 13.57 -5.81
CA TYR A 193 -22.88 14.89 -5.77
C TYR A 193 -23.18 15.62 -7.07
N ILE A 194 -23.69 16.85 -6.93
CA ILE A 194 -24.07 17.64 -8.09
C ILE A 194 -23.18 18.87 -8.18
N TYR A 195 -22.61 19.12 -9.36
CA TYR A 195 -21.67 20.22 -9.51
C TYR A 195 -22.32 21.44 -10.15
N VAL A 196 -22.17 22.58 -9.49
CA VAL A 196 -22.69 23.84 -9.99
C VAL A 196 -21.63 24.56 -10.83
N VAL A 197 -21.81 24.53 -12.15
CA VAL A 197 -20.90 25.21 -13.06
C VAL A 197 -21.52 26.57 -13.43
N ASP A 198 -20.74 27.44 -14.06
CA ASP A 198 -21.26 28.73 -14.51
C ASP A 198 -21.62 28.70 -15.99
N GLU A 199 -21.68 29.88 -16.61
CA GLU A 199 -22.09 29.97 -18.01
C GLU A 199 -20.95 29.68 -18.99
N LYS A 200 -19.76 29.41 -18.45
CA LYS A 200 -18.61 29.04 -19.27
C LYS A 200 -18.11 27.63 -18.96
N GLY A 201 -18.86 26.91 -18.13
CA GLY A 201 -18.60 25.51 -17.86
C GLY A 201 -17.69 25.28 -16.68
N ARG A 202 -17.33 26.35 -15.99
CA ARG A 202 -16.33 26.29 -14.93
C ARG A 202 -16.95 26.16 -13.52
N LEU A 203 -16.45 25.19 -12.77
CA LEU A 203 -16.91 24.90 -11.41
C LEU A 203 -17.14 26.14 -10.54
N LYS A 204 -18.29 26.16 -9.87
CA LYS A 204 -18.65 27.27 -9.02
C LYS A 204 -19.21 26.80 -7.67
N GLY A 205 -19.40 25.50 -7.53
CA GLY A 205 -19.89 24.93 -6.28
C GLY A 205 -20.12 23.43 -6.37
N VAL A 206 -20.42 22.82 -5.23
CA VAL A 206 -20.77 21.41 -5.21
C VAL A 206 -21.94 21.18 -4.26
N LEU A 207 -22.72 20.14 -4.55
CA LEU A 207 -24.01 19.94 -3.91
C LEU A 207 -24.17 18.51 -3.46
N SER A 208 -24.56 18.32 -2.21
CA SER A 208 -24.76 16.98 -1.69
C SER A 208 -26.21 16.58 -1.85
N LEU A 209 -26.46 15.39 -2.39
CA LEU A 209 -27.83 14.91 -2.48
C LEU A 209 -28.43 14.83 -1.08
N ARG A 210 -27.57 14.66 -0.09
CA ARG A 210 -27.99 14.64 1.30
C ARG A 210 -28.58 15.99 1.66
N ASP A 211 -28.04 17.05 1.05
CA ASP A 211 -28.49 18.41 1.31
C ASP A 211 -29.84 18.71 0.68
N LEU A 212 -29.94 18.47 -0.62
CA LEU A 212 -31.19 18.68 -1.35
C LEU A 212 -32.35 18.03 -0.61
N ILE A 213 -32.09 16.82 -0.12
CA ILE A 213 -33.12 16.02 0.56
C ILE A 213 -33.61 16.61 1.87
N VAL A 214 -32.75 17.34 2.58
CA VAL A 214 -33.14 17.92 3.86
C VAL A 214 -33.66 19.35 3.73
N ALA A 215 -33.51 19.93 2.54
CA ALA A 215 -33.81 21.35 2.34
C ALA A 215 -35.20 21.64 1.76
N ASP A 216 -35.78 22.73 2.25
CA ASP A 216 -36.99 23.28 1.65
C ASP A 216 -36.75 23.27 0.16
N PRO A 217 -37.67 22.65 -0.60
CA PRO A 217 -37.51 22.54 -2.05
C PRO A 217 -37.43 23.89 -2.75
N ARG A 218 -37.94 24.94 -2.12
CA ARG A 218 -37.95 26.25 -2.76
C ARG A 218 -36.78 27.14 -2.33
N THR A 219 -35.70 26.52 -1.87
CA THR A 219 -34.48 27.25 -1.50
C THR A 219 -33.48 27.19 -2.64
N ARG A 220 -32.86 28.33 -2.95
CA ARG A 220 -31.93 28.43 -4.07
C ARG A 220 -30.61 27.72 -3.74
N VAL A 221 -30.18 26.80 -4.60
CA VAL A 221 -29.03 25.95 -4.29
C VAL A 221 -27.76 26.72 -3.93
N ALA A 222 -27.51 27.83 -4.62
CA ALA A 222 -26.34 28.64 -4.32
C ALA A 222 -26.13 28.80 -2.82
N GLU A 223 -27.23 29.02 -2.10
CA GLU A 223 -27.13 29.27 -0.66
C GLU A 223 -27.04 27.99 0.19
N ILE A 224 -26.93 26.84 -0.47
CA ILE A 224 -26.66 25.58 0.25
C ILE A 224 -25.48 24.80 -0.36
N MET A 225 -25.11 25.15 -1.58
CA MET A 225 -23.97 24.50 -2.21
C MET A 225 -22.69 24.99 -1.55
N ASN A 226 -21.58 24.31 -1.83
CA ASN A 226 -20.29 24.68 -1.29
C ASN A 226 -19.34 25.18 -2.37
N PRO A 227 -19.00 26.48 -2.32
CA PRO A 227 -18.12 27.24 -3.23
C PRO A 227 -16.64 26.79 -3.29
N LYS A 228 -16.07 26.35 -2.17
CA LYS A 228 -14.70 25.86 -2.18
C LYS A 228 -14.67 24.43 -2.72
N VAL A 229 -14.78 24.31 -4.03
CA VAL A 229 -14.83 23.00 -4.66
C VAL A 229 -13.44 22.41 -4.81
N VAL A 230 -13.08 21.46 -3.94
CA VAL A 230 -11.83 20.76 -4.10
C VAL A 230 -11.92 19.96 -5.39
N TYR A 231 -10.87 20.02 -6.20
CA TYR A 231 -10.89 19.42 -7.53
C TYR A 231 -9.49 19.07 -7.96
N VAL A 232 -9.38 18.41 -9.11
CA VAL A 232 -8.09 18.12 -9.71
C VAL A 232 -8.12 18.54 -11.17
N ARG A 233 -6.95 18.76 -11.76
CA ARG A 233 -6.85 19.03 -13.19
C ARG A 233 -6.74 17.70 -13.93
N THR A 234 -6.75 17.76 -15.25
CA THR A 234 -6.74 16.54 -16.05
C THR A 234 -5.35 15.91 -16.16
N ASP A 235 -4.31 16.73 -15.91
CA ASP A 235 -2.95 16.24 -15.90
C ASP A 235 -2.57 15.70 -14.50
N THR A 236 -3.15 16.28 -13.46
CA THR A 236 -3.02 15.80 -12.09
C THR A 236 -2.73 14.29 -12.02
N ASP A 237 -1.72 13.91 -11.24
CA ASP A 237 -1.26 12.52 -11.19
C ASP A 237 -2.24 11.57 -10.51
N GLN A 238 -2.33 10.36 -11.05
CA GLN A 238 -3.13 9.27 -10.49
C GLN A 238 -3.02 9.21 -8.97
N GLU A 239 -1.79 9.30 -8.47
CA GLU A 239 -1.53 9.21 -7.04
C GLU A 239 -1.91 10.52 -6.34
N GLU A 240 -1.74 11.62 -7.06
CA GLU A 240 -2.08 12.94 -6.54
C GLU A 240 -3.58 13.04 -6.27
N VAL A 241 -4.37 12.34 -7.08
CA VAL A 241 -5.80 12.23 -6.83
C VAL A 241 -6.04 11.46 -5.54
N ALA A 242 -5.73 10.16 -5.58
CA ALA A 242 -5.89 9.26 -4.44
C ALA A 242 -5.64 9.92 -3.08
N ARG A 243 -4.62 10.76 -3.00
CA ARG A 243 -4.35 11.47 -1.76
C ARG A 243 -5.58 12.33 -1.41
N LEU A 244 -5.91 13.28 -2.28
CA LEU A 244 -7.08 14.14 -2.11
C LEU A 244 -8.35 13.38 -1.73
N MET A 245 -8.73 12.42 -2.57
CA MET A 245 -9.86 11.56 -2.27
C MET A 245 -9.83 11.10 -0.82
N ALA A 246 -8.69 10.53 -0.42
CA ALA A 246 -8.52 9.99 0.93
C ALA A 246 -8.48 11.10 1.97
N ASP A 247 -7.81 12.19 1.61
CA ASP A 247 -7.64 13.30 2.54
C ASP A 247 -8.99 13.79 3.01
N TYR A 248 -9.73 14.41 2.08
CA TYR A 248 -11.00 15.09 2.35
C TYR A 248 -12.20 14.17 2.56
N ASP A 249 -11.99 12.86 2.49
CA ASP A 249 -13.03 11.87 2.76
C ASP A 249 -14.11 11.87 1.68
N PHE A 250 -13.77 12.37 0.50
CA PHE A 250 -14.69 12.40 -0.65
C PHE A 250 -14.95 11.01 -1.22
N THR A 251 -15.99 10.92 -2.04
CA THR A 251 -16.30 9.70 -2.77
C THR A 251 -16.34 10.00 -4.26
N VAL A 252 -16.41 11.28 -4.59
CA VAL A 252 -16.41 11.71 -5.98
C VAL A 252 -15.56 12.97 -6.06
N LEU A 253 -14.82 13.13 -7.16
CA LEU A 253 -13.98 14.30 -7.32
C LEU A 253 -14.10 14.87 -8.73
N PRO A 254 -14.30 16.19 -8.82
CA PRO A 254 -14.47 16.93 -10.07
C PRO A 254 -13.16 17.26 -10.76
N VAL A 255 -12.91 16.61 -11.89
CA VAL A 255 -11.78 16.97 -12.74
C VAL A 255 -12.14 18.16 -13.64
N VAL A 256 -11.40 19.26 -13.49
CA VAL A 256 -11.52 20.36 -14.43
C VAL A 256 -10.44 20.24 -15.52
N ASP A 257 -10.74 20.69 -16.73
CA ASP A 257 -9.81 20.57 -17.83
C ASP A 257 -8.68 21.59 -17.70
N GLU A 258 -7.79 21.62 -18.68
CA GLU A 258 -6.65 22.53 -18.67
C GLU A 258 -7.08 23.98 -18.55
N GLU A 259 -8.38 24.21 -18.56
CA GLU A 259 -8.93 25.58 -18.54
C GLU A 259 -10.11 25.75 -17.58
N GLY A 260 -10.09 25.01 -16.47
CA GLY A 260 -11.06 25.18 -15.41
C GLY A 260 -12.47 24.68 -15.69
N ARG A 261 -12.73 24.30 -16.94
CA ARG A 261 -14.03 23.76 -17.29
C ARG A 261 -14.14 22.33 -16.80
N LEU A 262 -15.11 22.08 -15.93
CA LEU A 262 -15.45 20.73 -15.51
C LEU A 262 -15.60 19.86 -16.75
N VAL A 263 -15.06 18.65 -16.71
CA VAL A 263 -15.04 17.78 -17.88
C VAL A 263 -15.19 16.31 -17.52
N GLY A 264 -15.33 16.02 -16.24
CA GLY A 264 -15.55 14.66 -15.79
C GLY A 264 -15.36 14.56 -14.29
N ILE A 265 -15.69 13.41 -13.73
CA ILE A 265 -15.49 13.19 -12.31
C ILE A 265 -14.76 11.87 -12.07
N VAL A 266 -14.25 11.69 -10.86
CA VAL A 266 -13.60 10.46 -10.45
C VAL A 266 -14.23 9.88 -9.20
N THR A 267 -14.36 8.56 -9.16
CA THR A 267 -14.96 7.87 -8.02
C THR A 267 -13.95 7.06 -7.19
N VAL A 268 -14.11 7.13 -5.87
CA VAL A 268 -13.22 6.44 -4.94
C VAL A 268 -12.99 4.97 -5.27
N ASP A 269 -14.05 4.26 -5.67
CA ASP A 269 -13.92 2.85 -6.00
C ASP A 269 -12.83 2.62 -7.05
N ASP A 270 -12.56 3.65 -7.85
CA ASP A 270 -11.52 3.59 -8.88
C ASP A 270 -10.17 3.93 -8.27
N VAL A 271 -10.18 4.82 -7.29
CA VAL A 271 -8.99 5.22 -6.56
C VAL A 271 -8.47 4.07 -5.69
N LEU A 272 -9.37 3.31 -5.07
CA LEU A 272 -8.97 2.09 -4.38
C LEU A 272 -8.02 1.29 -5.24
N ASP A 273 -8.41 1.08 -6.50
CA ASP A 273 -7.60 0.34 -7.45
C ASP A 273 -6.27 1.03 -7.72
N VAL A 274 -6.28 2.37 -7.69
CA VAL A 274 -5.04 3.12 -7.80
C VAL A 274 -4.17 2.76 -6.61
N LEU A 275 -4.57 3.22 -5.44
CA LEU A 275 -3.92 2.86 -4.18
C LEU A 275 -3.24 1.48 -4.22
N GLU A 276 -4.04 0.43 -4.41
CA GLU A 276 -3.49 -0.93 -4.44
C GLU A 276 -2.40 -1.07 -5.48
N ALA A 277 -2.63 -0.52 -6.66
CA ALA A 277 -1.64 -0.60 -7.73
C ALA A 277 -0.45 0.33 -7.46
N GLU A 278 -0.69 1.41 -6.73
CA GLU A 278 0.40 2.28 -6.30
C GLU A 278 1.33 1.51 -5.36
N ALA A 279 0.77 0.99 -4.28
CA ALA A 279 1.54 0.23 -3.30
C ALA A 279 2.18 -0.99 -3.94
N THR A 280 1.46 -1.68 -4.80
CA THR A 280 2.00 -2.85 -5.48
C THR A 280 3.24 -2.49 -6.30
N GLU A 281 3.26 -1.26 -6.83
CA GLU A 281 4.42 -0.78 -7.56
C GLU A 281 5.58 -0.48 -6.61
N ASP A 282 5.26 0.19 -5.51
CA ASP A 282 6.24 0.55 -4.49
C ASP A 282 6.97 -0.69 -3.94
N ILE A 283 6.19 -1.71 -3.60
CA ILE A 283 6.75 -2.96 -3.10
C ILE A 283 7.63 -3.58 -4.16
N HIS A 284 7.11 -3.68 -5.38
CA HIS A 284 7.89 -4.23 -6.47
C HIS A 284 9.20 -3.46 -6.68
N LYS A 285 9.18 -2.17 -6.39
CA LYS A 285 10.36 -1.33 -6.59
C LYS A 285 11.37 -1.48 -5.46
N LEU A 286 10.93 -2.06 -4.34
CA LEU A 286 11.81 -2.27 -3.21
C LEU A 286 12.68 -3.50 -3.44
N GLY A 287 12.05 -4.64 -3.73
CA GLY A 287 12.76 -5.86 -4.03
C GLY A 287 13.52 -5.83 -5.36
N ALA A 288 13.51 -4.67 -6.02
CA ALA A 288 14.32 -4.45 -7.21
C ALA A 288 13.75 -4.97 -8.54
N VAL A 289 12.47 -5.27 -8.59
CA VAL A 289 11.82 -5.57 -9.87
C VAL A 289 11.17 -4.31 -10.41
N ASP A 290 11.44 -3.99 -11.69
CA ASP A 290 11.02 -2.71 -12.25
C ASP A 290 9.97 -2.81 -13.37
N VAL A 291 8.94 -3.60 -13.12
CA VAL A 291 7.77 -3.60 -14.00
C VAL A 291 6.55 -3.25 -13.15
N PRO A 292 6.07 -2.01 -13.29
CA PRO A 292 4.94 -1.49 -12.51
C PRO A 292 3.67 -2.29 -12.77
N ASP A 293 3.48 -2.73 -14.01
CA ASP A 293 2.31 -3.52 -14.38
C ASP A 293 2.70 -4.96 -14.63
N LEU A 294 3.19 -5.62 -13.59
CA LEU A 294 3.62 -7.02 -13.69
C LEU A 294 2.78 -7.89 -12.78
N VAL A 295 1.98 -8.76 -13.37
CA VAL A 295 1.21 -9.73 -12.59
C VAL A 295 1.90 -11.09 -12.65
N TYR A 296 2.27 -11.62 -11.48
CA TYR A 296 3.09 -12.81 -11.43
C TYR A 296 2.52 -13.99 -12.22
N SER A 297 1.27 -14.33 -11.94
CA SER A 297 0.64 -15.48 -12.58
C SER A 297 0.50 -15.28 -14.09
N GLU A 298 0.26 -14.03 -14.49
CA GLU A 298 0.13 -13.69 -15.90
C GLU A 298 1.45 -13.12 -16.44
N ALA A 299 2.46 -13.98 -16.48
CA ALA A 299 3.78 -13.58 -16.94
C ALA A 299 4.70 -14.80 -16.98
N GLY A 300 5.39 -14.97 -18.12
CA GLY A 300 6.22 -16.15 -18.31
C GLY A 300 7.66 -15.96 -17.89
N PRO A 301 8.47 -17.04 -18.02
CA PRO A 301 9.89 -17.01 -17.69
C PRO A 301 10.64 -15.93 -18.46
N VAL A 302 10.59 -16.00 -19.78
CA VAL A 302 11.31 -15.08 -20.64
C VAL A 302 10.97 -13.62 -20.30
N ALA A 303 9.78 -13.41 -19.77
CA ALA A 303 9.33 -12.08 -19.38
C ALA A 303 9.77 -11.73 -17.96
N LEU A 304 9.80 -12.73 -17.08
CA LEU A 304 10.30 -12.55 -15.73
C LEU A 304 11.81 -12.29 -15.76
N TRP A 305 12.47 -12.85 -16.77
CA TRP A 305 13.89 -12.61 -16.97
C TRP A 305 14.09 -11.12 -17.28
N LEU A 306 13.49 -10.67 -18.38
CA LEU A 306 13.63 -9.28 -18.83
C LEU A 306 13.29 -8.25 -17.74
N ALA A 307 12.50 -8.68 -16.76
CA ALA A 307 12.04 -7.78 -15.71
C ALA A 307 13.02 -7.64 -14.56
N ARG A 308 13.60 -8.76 -14.15
CA ARG A 308 14.48 -8.80 -12.99
C ARG A 308 15.95 -8.58 -13.35
N VAL A 309 16.34 -9.08 -14.53
CA VAL A 309 17.74 -9.08 -14.94
C VAL A 309 18.36 -7.68 -14.96
N ARG A 310 17.56 -6.66 -15.23
CA ARG A 310 18.08 -5.31 -15.39
C ARG A 310 18.78 -4.76 -14.12
N TRP A 311 18.16 -4.95 -12.96
CA TRP A 311 18.73 -4.44 -11.72
C TRP A 311 19.84 -5.32 -11.14
N LEU A 312 19.84 -6.60 -11.51
CA LEU A 312 20.87 -7.51 -11.06
C LEU A 312 22.19 -7.27 -11.80
N VAL A 313 22.11 -6.57 -12.92
CA VAL A 313 23.29 -6.27 -13.73
C VAL A 313 23.86 -4.90 -13.37
N ILE A 314 23.02 -4.03 -12.84
CA ILE A 314 23.48 -2.75 -12.31
C ILE A 314 24.15 -3.00 -10.98
N LEU A 315 23.46 -3.75 -10.12
CA LEU A 315 23.94 -4.00 -8.76
C LEU A 315 25.22 -4.84 -8.66
N ILE A 316 25.41 -5.78 -9.59
CA ILE A 316 26.60 -6.61 -9.59
C ILE A 316 27.82 -5.89 -10.18
N LEU A 317 27.58 -5.01 -11.14
CA LEU A 317 28.63 -4.12 -11.61
C LEU A 317 29.18 -3.33 -10.43
N THR A 318 28.28 -2.88 -9.56
CA THR A 318 28.67 -2.16 -8.35
C THR A 318 29.33 -3.11 -7.36
N GLY A 319 28.71 -4.27 -7.13
CA GLY A 319 29.21 -5.25 -6.20
C GLY A 319 30.56 -5.83 -6.60
N MET A 320 31.01 -5.48 -7.80
CA MET A 320 32.32 -5.91 -8.27
C MET A 320 33.41 -5.04 -7.67
N VAL A 321 33.09 -3.76 -7.51
CA VAL A 321 33.98 -2.83 -6.83
C VAL A 321 34.46 -3.44 -5.52
N THR A 322 33.71 -4.42 -5.04
CA THR A 322 34.00 -5.08 -3.78
C THR A 322 35.22 -6.00 -3.88
N SER A 323 35.33 -6.72 -5.00
CA SER A 323 36.49 -7.60 -5.24
C SER A 323 37.74 -6.75 -5.30
N SER A 324 37.76 -5.82 -6.26
CA SER A 324 38.82 -4.84 -6.37
C SER A 324 39.19 -4.27 -5.00
N ILE A 325 38.19 -3.84 -4.24
CA ILE A 325 38.41 -3.31 -2.89
C ILE A 325 39.11 -4.31 -1.97
N LEU A 326 38.74 -5.57 -2.07
CA LEU A 326 39.37 -6.62 -1.28
C LEU A 326 40.83 -6.82 -1.67
N GLN A 327 41.09 -6.80 -2.97
CA GLN A 327 42.45 -6.97 -3.49
C GLN A 327 43.37 -5.87 -2.97
N GLY A 328 42.88 -4.64 -2.98
CA GLY A 328 43.65 -3.50 -2.50
C GLY A 328 44.20 -3.71 -1.11
N PHE A 329 43.43 -4.38 -0.27
CA PHE A 329 43.83 -4.67 1.10
C PHE A 329 44.25 -6.14 1.24
N GLU A 330 45.11 -6.62 0.35
CA GLU A 330 45.53 -8.00 0.41
C GLU A 330 46.76 -8.22 1.30
N SER A 331 47.51 -7.15 1.54
CA SER A 331 48.58 -7.17 2.52
C SER A 331 47.97 -7.47 3.89
N VAL A 332 46.87 -6.79 4.19
CA VAL A 332 46.20 -6.93 5.47
C VAL A 332 45.39 -8.23 5.55
N LEU A 333 44.98 -8.75 4.39
CA LEU A 333 44.25 -10.00 4.34
C LEU A 333 45.21 -11.18 4.42
N GLU A 334 46.47 -10.92 4.07
CA GLU A 334 47.50 -11.94 4.13
C GLU A 334 48.05 -12.07 5.55
N ALA A 335 48.43 -10.93 6.14
CA ALA A 335 49.04 -10.91 7.47
C ALA A 335 48.17 -11.60 8.50
N VAL A 336 47.04 -10.96 8.83
CA VAL A 336 46.05 -11.56 9.72
C VAL A 336 44.93 -12.18 8.90
N THR A 337 44.81 -13.50 8.97
CA THR A 337 43.85 -14.25 8.17
C THR A 337 42.42 -14.12 8.69
N ALA A 338 42.26 -13.98 10.00
CA ALA A 338 40.94 -13.93 10.61
C ALA A 338 40.07 -12.79 10.10
N LEU A 339 40.70 -11.68 9.72
CA LEU A 339 39.97 -10.51 9.27
C LEU A 339 38.86 -10.84 8.26
N ALA A 340 39.17 -11.75 7.33
CA ALA A 340 38.21 -12.12 6.30
C ALA A 340 37.11 -13.03 6.83
N PHE A 341 37.40 -13.74 7.91
CA PHE A 341 36.44 -14.67 8.50
C PHE A 341 35.18 -13.94 8.95
N TYR A 342 35.26 -12.63 9.09
CA TYR A 342 34.15 -11.86 9.63
C TYR A 342 33.46 -10.93 8.63
N VAL A 343 33.91 -10.94 7.38
CA VAL A 343 33.36 -10.05 6.37
C VAL A 343 31.84 -10.25 6.14
N PRO A 344 31.40 -11.51 6.03
CA PRO A 344 29.96 -11.76 5.88
C PRO A 344 29.11 -11.13 6.98
N VAL A 345 29.27 -11.60 8.21
CA VAL A 345 28.46 -11.13 9.34
C VAL A 345 28.61 -9.64 9.56
N LEU A 346 29.75 -9.09 9.16
CA LEU A 346 30.01 -7.66 9.35
C LEU A 346 29.34 -6.85 8.23
N LEU A 347 29.73 -7.16 7.00
CA LEU A 347 29.25 -6.46 5.82
C LEU A 347 27.73 -6.57 5.69
N GLY A 348 27.19 -7.73 6.05
CA GLY A 348 25.78 -8.02 5.94
C GLY A 348 24.88 -7.33 6.94
N THR A 349 25.31 -7.26 8.20
CA THR A 349 24.59 -6.50 9.21
C THR A 349 24.66 -5.01 8.87
N GLY A 350 25.43 -4.70 7.84
CA GLY A 350 25.49 -3.35 7.32
C GLY A 350 24.26 -3.08 6.48
N GLY A 351 24.05 -3.96 5.49
CA GLY A 351 22.94 -3.86 4.57
C GLY A 351 21.57 -4.03 5.20
N ASN A 352 21.48 -4.87 6.23
CA ASN A 352 20.24 -4.98 7.00
C ASN A 352 19.86 -3.65 7.65
N THR A 353 20.84 -3.02 8.29
CA THR A 353 20.63 -1.70 8.88
C THR A 353 20.22 -0.66 7.83
N GLY A 354 20.87 -0.71 6.68
CA GLY A 354 20.58 0.22 5.60
C GLY A 354 19.20 0.01 5.00
N ASN A 355 18.78 -1.25 4.92
CA ASN A 355 17.42 -1.57 4.50
C ASN A 355 16.41 -0.90 5.41
N GLN A 356 16.35 -1.36 6.66
CA GLN A 356 15.42 -0.84 7.65
C GLN A 356 15.20 0.67 7.58
N SER A 357 16.27 1.45 7.51
CA SER A 357 16.12 2.90 7.56
C SER A 357 15.68 3.50 6.22
N ALA A 358 16.13 2.91 5.12
CA ALA A 358 15.72 3.35 3.80
C ALA A 358 14.26 2.99 3.62
N THR A 359 13.95 1.74 3.97
CA THR A 359 12.59 1.27 4.03
C THR A 359 11.72 2.22 4.85
N LEU A 360 12.10 2.44 6.10
CA LEU A 360 11.36 3.30 7.02
C LEU A 360 11.16 4.71 6.47
N ILE A 361 11.98 5.11 5.52
CA ILE A 361 11.94 6.49 5.01
C ILE A 361 11.27 6.60 3.63
N ILE A 362 11.46 5.60 2.79
CA ILE A 362 10.83 5.58 1.48
C ILE A 362 9.32 5.72 1.60
N ARG A 363 8.78 5.19 2.70
CA ARG A 363 7.33 5.16 2.90
C ARG A 363 6.81 6.45 3.51
N ALA A 364 7.47 6.94 4.54
CA ALA A 364 7.14 8.23 5.11
C ALA A 364 7.06 9.30 4.01
N LEU A 365 7.72 9.02 2.89
CA LEU A 365 7.70 9.95 1.77
C LEU A 365 6.50 9.71 0.88
N ALA A 366 6.21 8.44 0.61
CA ALA A 366 5.04 8.06 -0.17
C ALA A 366 3.76 8.33 0.62
N THR A 367 3.84 8.12 1.94
CA THR A 367 2.74 8.36 2.85
C THR A 367 2.70 9.84 3.24
N ARG A 368 3.59 10.63 2.64
CA ARG A 368 3.61 12.07 2.86
C ARG A 368 3.81 12.43 4.32
N ASP A 369 4.20 11.43 5.12
CA ASP A 369 4.51 11.63 6.53
C ASP A 369 5.79 12.47 6.70
N LEU A 370 6.67 12.38 5.72
CA LEU A 370 7.90 13.15 5.70
C LEU A 370 8.02 13.89 4.38
N ASP A 371 8.58 15.10 4.42
CA ASP A 371 8.85 15.83 3.20
C ASP A 371 10.35 16.14 3.10
N LEU A 372 10.78 16.53 1.90
CA LEU A 372 12.18 16.79 1.63
C LEU A 372 12.81 17.83 2.56
N ARG A 373 11.97 18.67 3.16
CA ARG A 373 12.47 19.68 4.09
C ARG A 373 12.88 19.08 5.43
N ASP A 374 12.66 17.78 5.57
CA ASP A 374 12.87 17.10 6.86
C ASP A 374 14.20 16.35 7.00
N TRP A 375 14.91 16.19 5.90
CA TRP A 375 16.16 15.41 5.89
C TRP A 375 17.12 15.81 7.01
N ARG A 376 17.35 17.10 7.15
CA ARG A 376 18.30 17.63 8.13
C ARG A 376 17.91 17.32 9.57
N ARG A 377 16.70 16.81 9.79
CA ARG A 377 16.23 16.46 11.13
C ARG A 377 16.20 14.95 11.28
N VAL A 378 15.75 14.27 10.23
CA VAL A 378 15.84 12.81 10.18
C VAL A 378 17.28 12.39 10.47
N PHE A 379 18.22 13.12 9.87
CA PHE A 379 19.64 12.85 10.07
C PHE A 379 19.95 12.73 11.55
N LEU A 380 19.79 13.85 12.28
CA LEU A 380 19.98 13.87 13.73
C LEU A 380 19.38 12.64 14.37
N LYS A 381 18.06 12.50 14.27
CA LYS A 381 17.35 11.40 14.91
C LYS A 381 17.92 10.05 14.51
N GLU A 382 18.05 9.82 13.21
CA GLU A 382 18.47 8.53 12.69
C GLU A 382 19.95 8.27 13.00
N MET A 383 20.68 9.33 13.30
CA MET A 383 22.10 9.26 13.59
C MET A 383 22.38 8.77 15.02
N GLY A 384 21.60 9.25 15.97
CA GLY A 384 21.70 8.77 17.33
C GLY A 384 20.98 7.44 17.48
N VAL A 385 20.43 6.96 16.37
CA VAL A 385 19.69 5.70 16.39
C VAL A 385 20.61 4.59 15.89
N GLY A 386 21.49 4.95 14.96
CA GLY A 386 22.49 4.03 14.44
C GLY A 386 23.52 3.74 15.51
N LEU A 387 24.09 4.81 16.07
CA LEU A 387 25.04 4.71 17.16
C LEU A 387 24.56 3.70 18.21
N LEU A 388 23.30 3.84 18.62
CA LEU A 388 22.69 2.93 19.59
C LEU A 388 22.50 1.53 19.03
N LEU A 389 22.22 1.45 17.73
CA LEU A 389 22.00 0.17 17.09
C LEU A 389 23.32 -0.57 16.91
N GLY A 390 24.40 0.19 16.77
CA GLY A 390 25.73 -0.36 16.71
C GLY A 390 26.14 -0.93 18.06
N LEU A 391 26.18 -0.06 19.07
CA LEU A 391 26.54 -0.47 20.43
C LEU A 391 25.91 -1.80 20.81
N THR A 392 24.65 -1.97 20.44
CA THR A 392 23.91 -3.18 20.75
C THR A 392 24.46 -4.39 20.01
N LEU A 393 24.63 -4.24 18.70
CA LEU A 393 24.98 -5.37 17.84
C LEU A 393 26.45 -5.76 17.94
N SER A 394 27.28 -4.82 18.38
CA SER A 394 28.71 -5.08 18.55
C SER A 394 28.94 -5.91 19.81
N PHE A 395 28.33 -5.48 20.91
CA PHE A 395 28.36 -6.20 22.16
C PHE A 395 27.99 -7.67 21.94
N LEU A 396 27.31 -7.94 20.82
CA LEU A 396 26.88 -9.29 20.50
C LEU A 396 27.87 -10.05 19.62
N LEU A 397 28.40 -9.37 18.60
CA LEU A 397 29.39 -9.99 17.70
C LEU A 397 30.74 -10.15 18.39
N VAL A 398 31.16 -9.12 19.11
CA VAL A 398 32.39 -9.19 19.90
C VAL A 398 32.41 -10.49 20.71
N GLY A 399 31.26 -10.87 21.25
CA GLY A 399 31.14 -12.12 21.98
C GLY A 399 31.39 -13.33 21.09
N LYS A 400 30.98 -13.24 19.83
CA LYS A 400 31.24 -14.31 18.88
C LYS A 400 32.72 -14.34 18.49
N VAL A 401 33.24 -13.21 18.04
CA VAL A 401 34.65 -13.09 17.71
C VAL A 401 35.48 -13.74 18.80
N TYR A 402 35.21 -13.34 20.04
CA TYR A 402 35.87 -13.88 21.23
C TYR A 402 35.73 -15.40 21.31
N TRP A 403 34.51 -15.87 21.57
CA TRP A 403 34.21 -17.29 21.65
C TRP A 403 34.74 -18.05 20.43
N ASP A 404 35.00 -17.32 19.36
CA ASP A 404 35.47 -17.91 18.11
C ASP A 404 36.95 -18.28 18.22
N GLY A 405 37.64 -17.61 19.14
CA GLY A 405 39.04 -17.88 19.41
C GLY A 405 40.00 -16.84 18.84
N HIS A 406 39.53 -15.61 18.69
CA HIS A 406 40.35 -14.55 18.10
C HIS A 406 40.29 -13.26 18.91
N PRO A 407 40.67 -13.33 20.20
CA PRO A 407 40.56 -12.20 21.14
C PRO A 407 41.41 -10.99 20.75
N LEU A 408 42.24 -11.11 19.72
CA LEU A 408 43.12 -10.02 19.31
C LEU A 408 42.48 -9.02 18.36
N LEU A 409 41.73 -9.52 17.37
CA LEU A 409 41.08 -8.63 16.41
C LEU A 409 39.65 -8.32 16.86
N LEU A 410 39.43 -8.39 18.18
CA LEU A 410 38.14 -8.13 18.79
C LEU A 410 37.75 -6.65 18.71
N PRO A 411 38.66 -5.75 19.13
CA PRO A 411 38.39 -4.31 18.92
C PRO A 411 38.24 -3.96 17.45
N VAL A 412 39.10 -4.50 16.58
CA VAL A 412 38.96 -4.27 15.14
C VAL A 412 37.51 -4.52 14.70
N VAL A 413 37.09 -5.77 14.81
CA VAL A 413 35.72 -6.16 14.49
C VAL A 413 34.69 -5.29 15.18
N GLY A 414 34.79 -5.20 16.50
CA GLY A 414 33.86 -4.38 17.27
C GLY A 414 33.75 -2.96 16.76
N VAL A 415 34.84 -2.21 16.83
CA VAL A 415 34.84 -0.82 16.40
C VAL A 415 34.42 -0.68 14.94
N SER A 416 34.53 -1.76 14.18
CA SER A 416 34.13 -1.76 12.77
C SER A 416 32.61 -1.85 12.59
N LEU A 417 31.91 -2.41 13.57
CA LEU A 417 30.46 -2.52 13.53
C LEU A 417 29.84 -1.16 13.84
N VAL A 418 30.12 -0.66 15.03
CA VAL A 418 29.67 0.67 15.46
C VAL A 418 30.21 1.79 14.55
N LEU A 419 30.69 1.41 13.36
CA LEU A 419 31.06 2.40 12.34
C LEU A 419 30.39 2.02 11.02
N ILE A 420 29.97 0.77 10.91
CA ILE A 420 29.24 0.31 9.73
C ILE A 420 27.75 0.49 9.96
N VAL A 421 27.26 -0.09 11.05
CA VAL A 421 25.87 0.10 11.45
C VAL A 421 25.52 1.58 11.51
N PHE A 422 26.51 2.42 11.78
CA PHE A 422 26.29 3.86 11.81
C PHE A 422 26.08 4.44 10.41
N PHE A 423 27.04 4.20 9.51
CA PHE A 423 26.96 4.76 8.16
C PHE A 423 25.97 4.03 7.25
N ALA A 424 25.86 2.72 7.43
CA ALA A 424 24.86 1.96 6.68
C ALA A 424 23.49 2.61 6.90
N ASN A 425 23.15 2.82 8.18
CA ASN A 425 21.96 3.54 8.56
C ASN A 425 21.80 4.84 7.79
N LEU A 426 22.57 5.85 8.17
CA LEU A 426 22.52 7.17 7.54
C LEU A 426 22.39 7.14 6.01
N VAL A 427 23.01 6.16 5.37
CA VAL A 427 22.95 6.04 3.92
C VAL A 427 21.54 5.71 3.44
N GLY A 428 21.00 4.58 3.89
CA GLY A 428 19.63 4.22 3.57
C GLY A 428 18.68 5.31 4.02
N ALA A 429 19.12 6.10 4.99
CA ALA A 429 18.28 7.14 5.55
C ALA A 429 18.43 8.49 4.85
N MET A 430 19.03 8.49 3.66
CA MET A 430 19.23 9.74 2.92
C MET A 430 19.25 9.55 1.39
N LEU A 431 19.33 8.30 0.96
CA LEU A 431 19.32 7.97 -0.47
C LEU A 431 17.99 8.36 -1.10
N PRO A 432 16.86 7.95 -0.48
CA PRO A 432 15.54 8.44 -0.90
C PRO A 432 15.47 9.96 -0.84
N PHE A 433 15.78 10.53 0.32
CA PHE A 433 15.80 11.98 0.48
C PHE A 433 16.55 12.68 -0.66
N LEU A 434 17.60 12.04 -1.17
CA LEU A 434 18.40 12.66 -2.23
C LEU A 434 17.73 12.50 -3.58
N LEU A 435 17.18 11.31 -3.83
CA LEU A 435 16.47 11.06 -5.09
C LEU A 435 15.29 12.02 -5.26
N ARG A 436 14.61 12.34 -4.17
CA ARG A 436 13.56 13.35 -4.22
C ARG A 436 14.15 14.69 -4.67
N ARG A 437 15.20 15.14 -4.01
CA ARG A 437 15.81 16.43 -4.33
C ARG A 437 16.34 16.43 -5.76
N LEU A 438 16.42 15.24 -6.36
CA LEU A 438 16.86 15.09 -7.75
C LEU A 438 15.68 14.93 -8.69
N GLY A 439 14.49 14.75 -8.13
CA GLY A 439 13.28 14.55 -8.91
C GLY A 439 13.12 13.11 -9.35
N VAL A 440 13.38 12.18 -8.44
CA VAL A 440 13.41 10.76 -8.76
C VAL A 440 12.59 9.95 -7.77
N ASP A 441 12.18 8.75 -8.17
CA ASP A 441 11.37 7.89 -7.32
C ASP A 441 12.22 7.18 -6.23
N PRO A 442 12.10 7.65 -4.99
CA PRO A 442 12.81 7.08 -3.82
C PRO A 442 12.57 5.58 -3.68
N ALA A 443 11.68 5.02 -4.47
CA ALA A 443 11.44 3.58 -4.44
C ALA A 443 12.54 2.87 -5.21
N LEU A 444 13.23 3.61 -6.06
CA LEU A 444 14.41 3.11 -6.76
C LEU A 444 15.54 2.79 -5.77
N VAL A 445 15.51 3.47 -4.62
CA VAL A 445 16.33 3.07 -3.48
C VAL A 445 15.83 1.72 -2.98
N SER A 446 15.97 0.71 -3.83
CA SER A 446 15.56 -0.64 -3.50
C SER A 446 16.34 -1.19 -2.33
N ASN A 447 15.83 -2.23 -1.69
CA ASN A 447 16.59 -2.89 -0.63
C ASN A 447 17.89 -3.48 -1.15
N PRO A 448 17.83 -4.21 -2.28
CA PRO A 448 19.06 -4.66 -2.93
C PRO A 448 20.08 -3.54 -3.19
N LEU A 449 19.64 -2.41 -3.76
CA LEU A 449 20.58 -1.31 -3.99
C LEU A 449 21.26 -0.87 -2.70
N VAL A 450 20.48 -0.75 -1.63
CA VAL A 450 21.03 -0.34 -0.35
C VAL A 450 21.94 -1.41 0.24
N ALA A 451 21.78 -2.64 -0.21
CA ALA A 451 22.60 -3.74 0.27
C ALA A 451 23.93 -3.80 -0.46
N THR A 452 23.87 -3.74 -1.79
CA THR A 452 25.07 -3.70 -2.62
C THR A 452 25.94 -2.49 -2.28
N LEU A 453 25.30 -1.40 -1.90
CA LEU A 453 26.02 -0.18 -1.59
C LEU A 453 26.60 -0.23 -0.17
N SER A 454 26.05 -1.11 0.66
CA SER A 454 26.54 -1.29 2.02
C SER A 454 27.73 -2.23 2.06
N ASP A 455 28.06 -2.83 0.90
CA ASP A 455 29.21 -3.71 0.77
C ASP A 455 30.43 -2.90 0.39
N VAL A 456 30.31 -2.14 -0.68
CA VAL A 456 31.34 -1.21 -1.07
C VAL A 456 31.77 -0.34 0.11
N THR A 457 30.81 0.08 0.93
CA THR A 457 31.13 0.91 2.08
C THR A 457 31.68 0.08 3.26
N GLY A 458 30.98 -1.00 3.58
CA GLY A 458 31.35 -1.85 4.71
C GLY A 458 32.80 -2.27 4.70
N LEU A 459 33.29 -2.72 3.54
CA LEU A 459 34.70 -3.08 3.41
C LEU A 459 35.58 -1.85 3.64
N LEU A 460 35.44 -0.85 2.79
CA LEU A 460 36.19 0.40 2.94
C LEU A 460 36.30 0.80 4.40
N ILE A 461 35.21 0.65 5.15
CA ILE A 461 35.22 0.93 6.58
C ILE A 461 36.09 -0.10 7.30
N TYR A 462 35.65 -1.36 7.25
CA TYR A 462 36.29 -2.47 7.95
C TYR A 462 37.79 -2.58 7.69
N LEU A 463 38.14 -2.94 6.46
CA LEU A 463 39.54 -3.11 6.08
C LEU A 463 40.36 -1.87 6.42
N SER A 464 39.88 -0.71 6.01
CA SER A 464 40.60 0.54 6.25
C SER A 464 40.88 0.76 7.74
N VAL A 465 39.99 0.27 8.59
CA VAL A 465 40.16 0.41 10.04
C VAL A 465 41.14 -0.63 10.56
N ALA A 466 41.21 -1.77 9.87
CA ALA A 466 42.19 -2.80 10.22
C ALA A 466 43.60 -2.35 9.88
N ARG A 467 43.83 -2.01 8.60
CA ARG A 467 45.13 -1.54 8.15
C ARG A 467 45.68 -0.45 9.07
N LEU A 468 44.78 0.35 9.65
CA LEU A 468 45.18 1.39 10.57
C LEU A 468 45.60 0.78 11.91
N LEU A 469 44.87 -0.23 12.35
CA LEU A 469 45.16 -0.89 13.63
C LEU A 469 46.36 -1.82 13.52
N LEU A 470 46.69 -2.22 12.30
CA LEU A 470 47.85 -3.08 12.07
C LEU A 470 49.11 -2.30 12.39
N GLU A 471 49.09 -1.00 12.14
CA GLU A 471 50.24 -0.14 12.41
C GLU A 471 50.73 -0.23 13.85
N ALA A 472 49.83 0.00 14.81
CA ALA A 472 50.21 -0.02 16.23
C ALA A 472 51.21 -1.14 16.59
N ALA B 43 -9.17 38.77 15.27
CA ALA B 43 -9.03 38.29 13.90
C ALA B 43 -8.75 36.78 13.87
N LEU B 44 -8.67 36.18 15.05
CA LEU B 44 -8.32 34.76 15.17
C LEU B 44 -9.44 33.82 14.69
N ARG B 45 -10.68 34.16 15.00
CA ARG B 45 -11.81 33.37 14.56
C ARG B 45 -12.44 33.93 13.29
N GLU B 46 -11.60 34.46 12.41
CA GLU B 46 -12.06 35.04 11.14
C GLU B 46 -11.17 34.68 9.94
N VAL B 47 -10.00 35.29 9.87
CA VAL B 47 -9.04 34.95 8.81
C VAL B 47 -8.72 33.45 8.89
N LEU B 48 -9.01 32.87 10.05
CA LEU B 48 -8.80 31.45 10.30
C LEU B 48 -10.12 30.70 10.27
N GLU B 49 -11.20 31.39 10.60
CA GLU B 49 -12.54 30.79 10.59
C GLU B 49 -12.77 30.01 9.30
N GLU B 50 -12.43 30.63 8.17
CA GLU B 50 -12.57 29.96 6.89
C GLU B 50 -11.70 28.72 6.78
N ILE B 51 -10.43 28.85 7.15
CA ILE B 51 -9.44 27.82 6.88
C ILE B 51 -9.93 26.39 7.15
N HIS B 52 -9.63 25.50 6.22
CA HIS B 52 -10.10 24.12 6.26
C HIS B 52 -9.27 23.31 7.25
N PRO B 53 -9.92 22.40 8.00
CA PRO B 53 -9.20 21.51 8.90
C PRO B 53 -8.11 20.70 8.18
N GLN B 54 -8.30 20.47 6.89
CA GLN B 54 -7.29 19.79 6.08
C GLN B 54 -6.08 20.70 5.82
N ASP B 55 -6.35 21.95 5.47
CA ASP B 55 -5.30 22.94 5.35
C ASP B 55 -4.55 22.96 6.66
N LEU B 56 -5.31 22.88 7.74
CA LEU B 56 -4.74 22.92 9.09
C LEU B 56 -3.96 21.64 9.40
N LEU B 57 -4.45 20.52 8.89
CA LEU B 57 -3.80 19.23 9.08
C LEU B 57 -2.46 19.19 8.35
N ALA B 58 -2.43 19.69 7.12
CA ALA B 58 -1.21 19.70 6.32
C ALA B 58 -0.14 20.55 6.99
N LEU B 59 -0.56 21.58 7.71
CA LEU B 59 0.37 22.46 8.40
C LEU B 59 0.72 21.95 9.79
N TRP B 60 0.23 20.74 10.12
CA TRP B 60 0.35 20.21 11.47
C TRP B 60 1.80 19.95 11.90
N ASP B 61 2.53 19.15 11.12
CA ASP B 61 3.90 18.79 11.45
C ASP B 61 4.79 20.02 11.54
N GLU B 62 4.34 21.13 10.96
CA GLU B 62 5.11 22.36 10.92
C GLU B 62 4.69 23.30 12.06
N LEU B 63 3.94 22.76 13.00
CA LEU B 63 3.44 23.53 14.14
C LEU B 63 3.97 22.97 15.46
N LYS B 64 4.46 23.85 16.33
CA LYS B 64 5.06 23.45 17.59
C LYS B 64 4.08 22.68 18.48
N GLY B 65 4.60 22.04 19.52
CA GLY B 65 3.77 21.33 20.46
C GLY B 65 2.96 22.26 21.34
N GLU B 66 3.14 23.56 21.11
CA GLU B 66 2.41 24.58 21.87
C GLU B 66 1.42 25.32 20.95
N HIS B 67 1.76 25.43 19.68
CA HIS B 67 0.87 26.04 18.70
C HIS B 67 -0.29 25.12 18.36
N ARG B 68 0.03 23.85 18.15
CA ARG B 68 -0.99 22.85 17.87
C ARG B 68 -2.00 22.78 19.01
N TYR B 69 -1.58 23.25 20.18
CA TYR B 69 -2.44 23.29 21.36
C TYR B 69 -3.43 24.44 21.32
N VAL B 70 -2.93 25.67 21.17
CA VAL B 70 -3.80 26.85 21.16
C VAL B 70 -4.78 26.84 19.98
N VAL B 71 -4.37 26.26 18.86
CA VAL B 71 -5.27 26.10 17.73
C VAL B 71 -6.31 25.05 18.07
N LEU B 72 -5.85 24.01 18.76
CA LEU B 72 -6.71 22.90 19.15
C LEU B 72 -7.68 23.30 20.26
N THR B 73 -7.40 24.45 20.88
CA THR B 73 -8.23 24.95 21.98
C THR B 73 -9.09 26.13 21.51
N LEU B 74 -8.78 26.65 20.33
CA LEU B 74 -9.48 27.81 19.79
C LEU B 74 -10.45 27.46 18.68
N LEU B 75 -9.98 26.63 17.74
CA LEU B 75 -10.80 26.22 16.61
C LEU B 75 -12.26 26.03 17.01
N PRO B 76 -13.17 26.44 16.12
CA PRO B 76 -14.58 26.07 16.30
C PRO B 76 -14.69 24.60 16.70
N LYS B 77 -15.41 24.31 17.77
CA LYS B 77 -15.59 22.94 18.27
C LYS B 77 -15.64 21.90 17.15
N ALA B 78 -16.34 22.23 16.08
CA ALA B 78 -16.54 21.30 14.97
C ALA B 78 -15.23 20.95 14.26
N LYS B 79 -14.49 21.98 13.86
CA LYS B 79 -13.21 21.80 13.16
C LYS B 79 -12.17 21.12 14.06
N ALA B 80 -12.07 21.59 15.30
CA ALA B 80 -11.10 21.04 16.24
C ALA B 80 -11.16 19.51 16.29
N ALA B 81 -12.37 18.96 16.30
CA ALA B 81 -12.55 17.52 16.42
C ALA B 81 -12.27 16.80 15.11
N GLU B 82 -12.44 17.50 13.99
CA GLU B 82 -12.10 16.92 12.70
C GLU B 82 -10.58 16.85 12.60
N VAL B 83 -9.91 17.80 13.23
CA VAL B 83 -8.45 17.81 13.29
C VAL B 83 -7.93 16.68 14.18
N LEU B 84 -8.45 16.61 15.40
CA LEU B 84 -8.10 15.51 16.31
C LEU B 84 -8.40 14.18 15.62
N SER B 85 -9.50 14.19 14.85
CA SER B 85 -10.06 12.99 14.22
C SER B 85 -9.07 12.12 13.44
N HIS B 86 -8.15 12.74 12.71
CA HIS B 86 -7.25 12.00 11.83
C HIS B 86 -5.84 11.88 12.39
N LEU B 87 -5.57 12.57 13.49
CA LEU B 87 -4.27 12.47 14.13
C LEU B 87 -3.99 11.03 14.51
N SER B 88 -2.85 10.82 15.17
CA SER B 88 -2.43 9.49 15.57
C SER B 88 -2.87 9.24 17.00
N PRO B 89 -3.22 8.00 17.32
CA PRO B 89 -3.64 7.62 18.67
C PRO B 89 -2.75 8.23 19.74
N GLU B 90 -1.47 8.38 19.43
CA GLU B 90 -0.52 8.94 20.38
C GLU B 90 -0.68 10.45 20.59
N GLU B 91 -0.96 11.17 19.51
CA GLU B 91 -1.18 12.61 19.60
C GLU B 91 -2.56 12.94 20.19
N GLN B 92 -3.58 12.24 19.71
CA GLN B 92 -4.91 12.40 20.24
C GLN B 92 -4.85 12.29 21.75
N ALA B 93 -4.42 11.13 22.25
CA ALA B 93 -4.43 10.85 23.68
C ALA B 93 -3.59 11.85 24.47
N GLU B 94 -2.76 12.60 23.77
CA GLU B 94 -1.98 13.66 24.40
C GLU B 94 -2.88 14.87 24.64
N TYR B 95 -3.58 15.27 23.59
CA TYR B 95 -4.44 16.46 23.61
C TYR B 95 -5.75 16.23 24.38
N LEU B 96 -6.16 14.98 24.49
CA LEU B 96 -7.35 14.66 25.26
C LEU B 96 -7.05 14.69 26.76
N LYS B 97 -5.83 15.06 27.10
CA LYS B 97 -5.40 15.12 28.49
C LYS B 97 -4.98 16.54 28.85
N THR B 98 -4.28 17.20 27.93
CA THR B 98 -3.72 18.52 28.20
C THR B 98 -4.74 19.63 27.95
N LEU B 99 -5.60 19.42 26.95
CA LEU B 99 -6.67 20.37 26.66
C LEU B 99 -7.65 20.48 27.84
N PRO B 100 -8.11 21.70 28.14
CA PRO B 100 -8.99 21.99 29.28
C PRO B 100 -10.27 21.15 29.24
N PRO B 101 -10.84 20.88 30.42
CA PRO B 101 -12.01 20.01 30.59
C PRO B 101 -13.20 20.42 29.72
N TRP B 102 -13.38 21.72 29.48
CA TRP B 102 -14.51 22.16 28.66
C TRP B 102 -14.34 21.87 27.18
N ARG B 103 -13.35 22.48 26.55
CA ARG B 103 -13.02 22.16 25.16
C ARG B 103 -12.92 20.66 24.99
N LEU B 104 -12.56 19.98 26.07
CA LEU B 104 -12.47 18.53 26.09
C LEU B 104 -13.86 17.98 25.86
N ARG B 105 -14.81 18.46 26.66
CA ARG B 105 -16.23 18.12 26.54
C ARG B 105 -16.77 18.41 25.14
N GLU B 106 -16.69 19.68 24.73
CA GLU B 106 -17.12 20.08 23.39
C GLU B 106 -16.60 19.12 22.33
N ILE B 107 -15.28 19.08 22.17
CA ILE B 107 -14.62 18.20 21.21
C ILE B 107 -15.11 16.76 21.32
N LEU B 108 -14.95 16.19 22.51
CA LEU B 108 -15.33 14.80 22.76
C LEU B 108 -16.68 14.49 22.12
N GLU B 109 -17.64 15.38 22.31
CA GLU B 109 -19.02 15.17 21.86
C GLU B 109 -19.19 15.38 20.36
N GLU B 110 -18.77 16.53 19.87
CA GLU B 110 -18.94 16.87 18.45
C GLU B 110 -18.10 15.99 17.53
N LEU B 111 -17.86 14.76 17.97
CA LEU B 111 -16.97 13.84 17.27
C LEU B 111 -17.71 12.59 16.87
N SER B 112 -17.53 12.19 15.61
CA SER B 112 -18.10 10.95 15.10
C SER B 112 -18.00 9.86 16.15
N LEU B 113 -18.98 8.96 16.19
CA LEU B 113 -18.98 7.91 17.21
C LEU B 113 -17.81 6.93 17.10
N ASP B 114 -17.64 6.35 15.91
CA ASP B 114 -16.57 5.39 15.68
C ASP B 114 -15.21 6.04 15.97
N ASP B 115 -15.12 7.33 15.67
CA ASP B 115 -13.92 8.11 15.93
C ASP B 115 -13.76 8.35 17.42
N LEU B 116 -14.84 8.69 18.10
CA LEU B 116 -14.79 8.90 19.54
C LEU B 116 -14.25 7.64 20.23
N ALA B 117 -14.78 6.50 19.80
CA ALA B 117 -14.41 5.22 20.37
C ALA B 117 -12.90 5.01 20.29
N ASP B 118 -12.32 5.37 19.15
CA ASP B 118 -10.88 5.30 18.95
C ASP B 118 -10.13 6.15 19.98
N ALA B 119 -10.27 7.46 19.86
CA ALA B 119 -9.65 8.39 20.80
C ALA B 119 -9.83 7.94 22.25
N LEU B 120 -10.89 7.18 22.52
CA LEU B 120 -11.10 6.61 23.84
C LEU B 120 -10.10 5.49 24.13
N GLN B 121 -10.04 4.51 23.24
CA GLN B 121 -9.12 3.39 23.38
C GLN B 121 -7.66 3.87 23.35
N ALA B 122 -7.41 4.94 22.60
CA ALA B 122 -6.08 5.52 22.49
C ALA B 122 -5.64 6.06 23.84
N VAL B 123 -6.60 6.25 24.73
CA VAL B 123 -6.30 6.69 26.09
C VAL B 123 -6.31 5.51 27.06
N ARG B 124 -7.12 4.49 26.76
CA ARG B 124 -7.18 3.30 27.60
C ARG B 124 -5.82 2.60 27.73
N LYS B 125 -5.02 2.66 26.67
CA LYS B 125 -3.70 2.04 26.68
C LYS B 125 -2.72 2.87 27.49
N GLU B 126 -2.63 4.16 27.17
CA GLU B 126 -1.69 5.07 27.81
C GLU B 126 -2.04 5.38 29.27
N ASP B 127 -3.31 5.68 29.53
CA ASP B 127 -3.76 6.00 30.88
C ASP B 127 -5.16 5.45 31.18
N PRO B 128 -5.25 4.15 31.51
CA PRO B 128 -6.53 3.50 31.81
C PRO B 128 -7.36 4.30 32.82
N ALA B 129 -6.67 5.08 33.65
CA ALA B 129 -7.34 5.92 34.64
C ALA B 129 -8.18 7.02 33.97
N TYR B 130 -7.53 7.87 33.20
CA TYR B 130 -8.19 9.01 32.58
C TYR B 130 -9.33 8.57 31.68
N PHE B 131 -9.15 7.41 31.04
CA PHE B 131 -10.16 6.84 30.15
C PHE B 131 -11.57 6.92 30.71
N GLN B 132 -11.74 6.49 31.97
CA GLN B 132 -13.07 6.40 32.54
C GLN B 132 -13.52 7.68 33.27
N ARG B 133 -12.55 8.55 33.57
CA ARG B 133 -12.88 9.86 34.13
C ARG B 133 -13.21 10.83 33.00
N LEU B 134 -13.04 10.36 31.78
CA LEU B 134 -13.25 11.16 30.58
C LEU B 134 -14.54 10.73 29.88
N LYS B 135 -14.97 9.51 30.16
CA LYS B 135 -16.29 9.05 29.71
C LYS B 135 -17.35 9.73 30.57
N ASP B 136 -16.89 10.55 31.51
CA ASP B 136 -17.78 11.30 32.38
C ASP B 136 -18.21 12.61 31.71
N LEU B 137 -17.46 13.00 30.68
CA LEU B 137 -17.79 14.18 29.90
C LEU B 137 -18.81 13.83 28.82
N LEU B 138 -19.31 12.61 28.87
CA LEU B 138 -20.25 12.09 27.87
C LEU B 138 -21.67 12.02 28.41
N ASP B 139 -22.62 12.07 27.49
CA ASP B 139 -24.05 11.93 27.81
C ASP B 139 -24.48 10.46 27.68
N PRO B 140 -25.20 9.95 28.67
CA PRO B 140 -25.52 8.53 28.84
C PRO B 140 -25.84 7.78 27.55
N ARG B 141 -26.29 8.48 26.53
CA ARG B 141 -26.63 7.83 25.27
C ARG B 141 -25.38 7.66 24.41
N THR B 142 -24.63 8.75 24.26
CA THR B 142 -23.38 8.70 23.54
C THR B 142 -22.43 7.67 24.17
N ARG B 143 -22.27 7.77 25.49
CA ARG B 143 -21.42 6.85 26.24
C ARG B 143 -21.96 5.43 26.20
N ALA B 144 -23.17 5.26 25.68
CA ALA B 144 -23.76 3.93 25.59
C ALA B 144 -23.17 3.18 24.40
N GLU B 145 -23.33 3.75 23.21
CA GLU B 145 -22.80 3.13 21.99
C GLU B 145 -21.30 2.92 22.12
N VAL B 146 -20.64 3.83 22.83
CA VAL B 146 -19.19 3.74 23.03
C VAL B 146 -18.78 2.51 23.84
N GLU B 147 -19.42 2.32 25.00
CA GLU B 147 -19.17 1.13 25.81
C GLU B 147 -19.27 -0.12 24.93
N ALA B 148 -20.27 -0.14 24.06
CA ALA B 148 -20.52 -1.29 23.19
C ALA B 148 -19.54 -1.33 22.01
N LEU B 149 -18.95 -0.19 21.68
CA LEU B 149 -18.05 -0.11 20.54
C LEU B 149 -16.59 -0.49 20.87
N ALA B 150 -16.12 -0.05 22.03
CA ALA B 150 -14.76 -0.37 22.46
C ALA B 150 -14.62 -1.87 22.61
N ARG B 151 -15.66 -2.51 23.14
CA ARG B 151 -15.66 -3.96 23.36
C ARG B 151 -15.23 -4.76 22.12
N TYR B 152 -15.38 -4.17 20.95
CA TYR B 152 -14.99 -4.83 19.70
C TYR B 152 -13.52 -4.57 19.39
N GLU B 153 -12.91 -5.50 18.65
CA GLU B 153 -11.48 -5.43 18.39
C GLU B 153 -11.11 -4.41 17.30
N GLU B 154 -10.20 -3.51 17.64
CA GLU B 154 -9.84 -2.38 16.78
C GLU B 154 -9.67 -2.73 15.30
N ASP B 155 -9.11 -3.91 15.02
CA ASP B 155 -8.87 -4.33 13.64
C ASP B 155 -9.88 -5.36 13.16
N GLU B 156 -11.00 -5.48 13.87
CA GLU B 156 -12.11 -6.30 13.42
C GLU B 156 -13.17 -5.37 12.83
N ALA B 157 -14.15 -5.94 12.13
CA ALA B 157 -15.18 -5.14 11.49
C ALA B 157 -15.83 -4.19 12.50
N GLY B 158 -16.23 -4.74 13.64
CA GLY B 158 -16.86 -3.95 14.68
C GLY B 158 -16.01 -2.78 15.12
N GLY B 159 -14.70 -2.94 14.96
CA GLY B 159 -13.73 -1.93 15.36
C GLY B 159 -13.91 -0.64 14.61
N LEU B 160 -13.98 -0.71 13.28
CA LEU B 160 -14.06 0.48 12.44
C LEU B 160 -15.48 0.96 12.13
N MET B 161 -16.49 0.36 12.75
CA MET B 161 -17.88 0.66 12.42
C MET B 161 -18.52 1.74 13.30
N THR B 162 -19.64 2.28 12.82
CA THR B 162 -20.39 3.30 13.56
C THR B 162 -21.88 2.95 13.58
N PRO B 163 -22.57 3.33 14.67
CA PRO B 163 -24.01 3.05 14.86
C PRO B 163 -24.91 4.15 14.26
N GLU B 164 -24.33 5.05 13.48
CA GLU B 164 -25.08 6.15 12.91
C GLU B 164 -25.58 5.77 11.52
N TYR B 165 -26.09 4.55 11.42
CA TYR B 165 -26.69 4.03 10.20
C TYR B 165 -28.20 4.27 10.24
N VAL B 166 -28.80 4.50 9.08
CA VAL B 166 -30.25 4.61 8.98
C VAL B 166 -30.86 3.26 8.63
N ALA B 167 -31.85 2.85 9.42
CA ALA B 167 -32.54 1.57 9.21
C ALA B 167 -34.06 1.74 9.14
N VAL B 168 -34.73 0.85 8.42
CA VAL B 168 -36.18 0.93 8.23
C VAL B 168 -36.85 -0.45 8.17
N ARG B 169 -38.18 -0.46 8.11
CA ARG B 169 -38.95 -1.70 8.01
C ARG B 169 -39.56 -1.88 6.62
N GLU B 170 -39.77 -3.13 6.21
CA GLU B 170 -40.31 -3.43 4.90
C GLU B 170 -41.76 -2.96 4.79
N GLY B 171 -42.44 -2.90 5.93
CA GLY B 171 -43.76 -2.32 5.99
C GLY B 171 -43.69 -0.81 5.80
N MET B 172 -43.08 -0.37 4.72
CA MET B 172 -42.95 1.05 4.42
C MET B 172 -43.08 1.33 2.92
N THR B 173 -43.21 2.60 2.56
CA THR B 173 -43.26 3.00 1.17
C THR B 173 -42.29 4.14 0.92
N VAL B 174 -41.78 4.22 -0.31
CA VAL B 174 -40.83 5.26 -0.69
C VAL B 174 -41.15 6.62 -0.05
N GLU B 175 -42.43 6.96 0.01
CA GLU B 175 -42.87 8.22 0.63
C GLU B 175 -42.35 8.35 2.05
N GLU B 176 -42.47 7.27 2.83
CA GLU B 176 -42.18 7.31 4.25
C GLU B 176 -40.69 7.16 4.56
N VAL B 177 -39.98 6.44 3.70
CA VAL B 177 -38.55 6.30 3.87
C VAL B 177 -37.90 7.67 3.69
N LEU B 178 -38.32 8.38 2.65
CA LEU B 178 -37.80 9.71 2.41
C LEU B 178 -38.22 10.62 3.56
N ARG B 179 -39.50 10.60 3.90
CA ARG B 179 -40.00 11.37 5.02
C ARG B 179 -39.20 11.03 6.27
N PHE B 180 -38.81 9.76 6.38
CA PHE B 180 -38.04 9.30 7.54
C PHE B 180 -36.58 9.73 7.48
N LEU B 181 -35.96 9.60 6.31
CA LEU B 181 -34.60 10.07 6.11
C LEU B 181 -34.48 11.52 6.56
N ARG B 182 -35.30 12.38 5.98
CA ARG B 182 -35.27 13.81 6.29
C ARG B 182 -35.18 14.10 7.79
N ARG B 183 -35.83 13.28 8.60
CA ARG B 183 -35.90 13.52 10.04
C ARG B 183 -34.80 12.77 10.81
N ALA B 184 -33.94 12.06 10.09
CA ALA B 184 -32.90 11.26 10.70
C ALA B 184 -31.51 11.55 10.12
N ALA B 185 -31.47 12.39 9.10
CA ALA B 185 -30.25 12.67 8.36
C ALA B 185 -29.15 13.40 9.16
N PRO B 186 -29.52 14.50 9.84
CA PRO B 186 -28.49 15.33 10.50
C PRO B 186 -27.70 14.60 11.58
N ASP B 187 -28.11 13.40 11.95
CA ASP B 187 -27.40 12.62 12.96
C ASP B 187 -26.98 11.27 12.41
N ALA B 188 -26.64 11.22 11.14
CA ALA B 188 -26.23 9.97 10.50
C ALA B 188 -24.87 10.12 9.84
N GLU B 189 -24.27 8.98 9.50
CA GLU B 189 -23.02 8.96 8.78
C GLU B 189 -23.29 9.04 7.28
N THR B 190 -24.42 8.47 6.86
CA THR B 190 -24.75 8.40 5.44
C THR B 190 -26.20 7.92 5.21
N ILE B 191 -26.96 8.68 4.43
CA ILE B 191 -28.35 8.33 4.12
C ILE B 191 -28.45 7.86 2.68
N TYR B 192 -27.32 7.62 2.05
CA TYR B 192 -27.29 7.17 0.67
C TYR B 192 -27.61 5.68 0.62
N TYR B 193 -27.47 5.03 1.77
CA TYR B 193 -27.76 3.60 1.87
C TYR B 193 -28.60 3.27 3.10
N ILE B 194 -29.77 2.72 2.85
CA ILE B 194 -30.74 2.40 3.90
C ILE B 194 -30.77 0.89 4.06
N TYR B 195 -30.78 0.42 5.31
CA TYR B 195 -30.85 -1.00 5.57
C TYR B 195 -32.12 -1.34 6.34
N VAL B 196 -32.85 -2.36 5.87
CA VAL B 196 -34.10 -2.76 6.49
C VAL B 196 -33.92 -3.89 7.50
N VAL B 197 -34.55 -3.73 8.66
CA VAL B 197 -34.49 -4.73 9.72
C VAL B 197 -35.87 -5.35 9.97
N ASP B 198 -35.92 -6.36 10.84
CA ASP B 198 -37.18 -7.00 11.19
C ASP B 198 -37.60 -6.66 12.63
N GLU B 199 -38.59 -7.38 13.14
CA GLU B 199 -39.11 -7.13 14.48
C GLU B 199 -38.06 -7.36 15.58
N LYS B 200 -37.12 -8.26 15.33
CA LYS B 200 -36.08 -8.58 16.30
C LYS B 200 -34.83 -7.71 16.13
N GLY B 201 -34.53 -7.34 14.88
CA GLY B 201 -33.39 -6.50 14.58
C GLY B 201 -32.50 -7.02 13.47
N ARG B 202 -32.79 -8.23 13.00
CA ARG B 202 -31.97 -8.87 11.96
C ARG B 202 -31.89 -8.05 10.68
N LEU B 203 -31.08 -8.52 9.73
CA LEU B 203 -30.86 -7.81 8.47
C LEU B 203 -31.69 -8.45 7.36
N LYS B 204 -32.20 -7.64 6.44
CA LYS B 204 -33.11 -8.15 5.42
C LYS B 204 -32.86 -7.62 4.00
N GLY B 205 -32.25 -6.45 3.87
CA GLY B 205 -31.99 -5.90 2.55
C GLY B 205 -31.47 -4.48 2.54
N VAL B 206 -31.08 -4.00 1.35
CA VAL B 206 -30.48 -2.67 1.22
C VAL B 206 -31.12 -1.81 0.13
N LEU B 207 -31.22 -0.51 0.41
CA LEU B 207 -31.75 0.44 -0.53
C LEU B 207 -30.72 1.52 -0.82
N SER B 208 -30.59 1.89 -2.08
CA SER B 208 -29.77 3.05 -2.44
C SER B 208 -30.67 4.26 -2.63
N LEU B 209 -30.31 5.37 -2.00
CA LEU B 209 -31.08 6.60 -2.11
C LEU B 209 -31.32 6.98 -3.57
N ARG B 210 -30.38 6.62 -4.44
CA ARG B 210 -30.55 6.85 -5.88
C ARG B 210 -31.92 6.32 -6.30
N ASP B 211 -32.22 5.08 -5.89
CA ASP B 211 -33.47 4.44 -6.22
C ASP B 211 -34.67 5.16 -5.62
N LEU B 212 -34.58 5.50 -4.34
CA LEU B 212 -35.65 6.22 -3.66
C LEU B 212 -35.92 7.60 -4.26
N ILE B 213 -35.27 7.89 -5.38
CA ILE B 213 -35.43 9.19 -6.03
C ILE B 213 -35.85 9.04 -7.49
N VAL B 214 -35.71 7.83 -8.02
CA VAL B 214 -36.21 7.53 -9.35
C VAL B 214 -37.45 6.66 -9.28
N ALA B 215 -37.79 6.25 -8.06
CA ALA B 215 -38.97 5.42 -7.84
C ALA B 215 -40.22 6.30 -7.63
N ASP B 216 -41.38 5.66 -7.62
CA ASP B 216 -42.63 6.37 -7.32
C ASP B 216 -42.90 6.34 -5.83
N PRO B 217 -43.22 7.50 -5.24
CA PRO B 217 -43.38 7.66 -3.80
C PRO B 217 -44.34 6.65 -3.17
N ARG B 218 -45.29 6.14 -3.95
CA ARG B 218 -46.33 5.28 -3.41
C ARG B 218 -45.93 3.81 -3.33
N THR B 219 -44.92 3.40 -4.10
CA THR B 219 -44.53 1.99 -4.14
C THR B 219 -43.96 1.53 -2.80
N ARG B 220 -44.15 0.24 -2.50
CA ARG B 220 -43.69 -0.33 -1.24
C ARG B 220 -42.18 -0.22 -1.11
N VAL B 221 -41.65 -0.60 0.04
CA VAL B 221 -40.21 -0.53 0.32
C VAL B 221 -39.51 -1.83 0.00
N ALA B 222 -40.12 -2.94 0.42
CA ALA B 222 -39.57 -4.26 0.15
C ALA B 222 -39.67 -4.59 -1.34
N GLU B 223 -40.03 -3.57 -2.13
CA GLU B 223 -40.15 -3.72 -3.58
C GLU B 223 -38.81 -3.46 -4.26
N ILE B 224 -38.14 -2.39 -3.86
CA ILE B 224 -36.89 -1.96 -4.50
C ILE B 224 -35.63 -2.37 -3.75
N MET B 225 -35.79 -2.90 -2.54
CA MET B 225 -34.64 -3.31 -1.75
C MET B 225 -33.96 -4.55 -2.32
N ASN B 226 -32.98 -5.07 -1.60
CA ASN B 226 -32.19 -6.21 -2.06
C ASN B 226 -31.80 -7.16 -0.94
N PRO B 227 -32.43 -8.35 -0.90
CA PRO B 227 -32.09 -9.42 0.04
C PRO B 227 -30.73 -10.04 -0.29
N LYS B 228 -30.27 -9.83 -1.53
CA LYS B 228 -28.92 -10.24 -1.91
C LYS B 228 -27.90 -9.32 -1.25
N VAL B 229 -28.22 -8.89 -0.03
CA VAL B 229 -27.41 -7.91 0.69
C VAL B 229 -26.12 -8.52 1.23
N VAL B 230 -24.99 -8.01 0.75
CA VAL B 230 -23.71 -8.49 1.24
C VAL B 230 -23.39 -7.82 2.57
N TYR B 231 -23.00 -8.64 3.54
CA TYR B 231 -22.76 -8.15 4.89
C TYR B 231 -21.38 -8.56 5.38
N VAL B 232 -21.09 -8.18 6.62
CA VAL B 232 -19.83 -8.52 7.25
C VAL B 232 -20.05 -8.78 8.74
N ARG B 233 -19.46 -9.86 9.24
CA ARG B 233 -19.56 -10.21 10.65
C ARG B 233 -18.79 -9.19 11.49
N THR B 234 -19.14 -9.07 12.75
CA THR B 234 -18.49 -8.11 13.64
C THR B 234 -17.04 -8.53 13.93
N ASP B 235 -16.79 -9.84 13.81
CA ASP B 235 -15.46 -10.40 14.05
C ASP B 235 -14.66 -10.51 12.77
N THR B 236 -15.13 -9.91 11.69
CA THR B 236 -14.44 -9.97 10.41
C THR B 236 -13.18 -9.11 10.43
N ASP B 237 -12.21 -9.45 9.58
CA ASP B 237 -10.91 -8.80 9.60
C ASP B 237 -10.85 -7.43 8.90
N GLN B 238 -10.34 -6.44 9.61
CA GLN B 238 -10.06 -5.10 9.11
C GLN B 238 -9.71 -5.11 7.62
N GLU B 239 -8.80 -5.99 7.23
CA GLU B 239 -8.30 -6.04 5.87
C GLU B 239 -9.29 -6.74 4.93
N GLU B 240 -9.92 -7.79 5.44
CA GLU B 240 -10.87 -8.56 4.65
C GLU B 240 -12.10 -7.71 4.34
N VAL B 241 -12.47 -6.86 5.28
CA VAL B 241 -13.53 -5.89 5.04
C VAL B 241 -13.16 -5.05 3.83
N ALA B 242 -11.99 -4.43 3.88
CA ALA B 242 -11.53 -3.56 2.80
C ALA B 242 -11.34 -4.31 1.49
N ARG B 243 -11.37 -5.64 1.55
CA ARG B 243 -11.29 -6.44 0.34
C ARG B 243 -12.64 -6.41 -0.38
N LEU B 244 -13.71 -6.73 0.35
CA LEU B 244 -15.07 -6.64 -0.19
C LEU B 244 -15.38 -5.24 -0.73
N MET B 245 -15.37 -4.26 0.18
CA MET B 245 -15.73 -2.90 -0.18
C MET B 245 -14.95 -2.40 -1.40
N ALA B 246 -13.85 -3.07 -1.71
CA ALA B 246 -13.06 -2.72 -2.88
C ALA B 246 -13.55 -3.48 -4.09
N ASP B 247 -13.89 -4.75 -3.90
CA ASP B 247 -14.43 -5.57 -4.98
C ASP B 247 -15.79 -5.05 -5.44
N TYR B 248 -16.74 -5.02 -4.51
CA TYR B 248 -18.13 -4.67 -4.80
C TYR B 248 -18.36 -3.18 -5.13
N ASP B 249 -17.29 -2.41 -5.14
CA ASP B 249 -17.39 -0.98 -5.39
C ASP B 249 -18.38 -0.33 -4.44
N PHE B 250 -18.50 -0.93 -3.26
CA PHE B 250 -19.35 -0.41 -2.20
C PHE B 250 -18.75 0.83 -1.54
N THR B 251 -19.61 1.75 -1.16
CA THR B 251 -19.20 2.95 -0.43
C THR B 251 -19.58 2.76 1.04
N VAL B 252 -20.32 1.69 1.30
CA VAL B 252 -20.78 1.35 2.64
C VAL B 252 -20.89 -0.17 2.82
N LEU B 253 -20.85 -0.63 4.07
CA LEU B 253 -21.00 -2.05 4.37
C LEU B 253 -21.67 -2.25 5.72
N PRO B 254 -22.67 -3.15 5.77
CA PRO B 254 -23.39 -3.52 6.99
C PRO B 254 -22.57 -4.39 7.92
N VAL B 255 -22.93 -4.42 9.20
CA VAL B 255 -22.24 -5.27 10.18
C VAL B 255 -23.25 -5.99 11.08
N VAL B 256 -23.15 -7.32 11.11
CA VAL B 256 -24.03 -8.13 11.95
C VAL B 256 -23.26 -8.83 13.06
N ASP B 257 -23.98 -9.42 14.01
CA ASP B 257 -23.36 -10.27 15.03
C ASP B 257 -23.41 -11.73 14.60
N GLU B 258 -23.46 -12.65 15.56
CA GLU B 258 -23.49 -14.07 15.22
C GLU B 258 -24.91 -14.52 14.89
N GLU B 259 -25.83 -13.57 14.86
CA GLU B 259 -27.25 -13.87 14.68
C GLU B 259 -27.85 -13.16 13.47
N GLY B 260 -27.07 -12.29 12.85
CA GLY B 260 -27.50 -11.63 11.63
C GLY B 260 -28.22 -10.31 11.83
N ARG B 261 -28.16 -9.77 13.05
CA ARG B 261 -28.76 -8.47 13.33
C ARG B 261 -27.95 -7.33 12.72
N LEU B 262 -28.34 -6.09 12.98
CA LEU B 262 -27.65 -4.94 12.42
C LEU B 262 -27.21 -3.98 13.52
N VAL B 263 -25.91 -3.97 13.81
CA VAL B 263 -25.39 -3.17 14.93
C VAL B 263 -24.49 -2.00 14.51
N GLY B 264 -24.23 -1.89 13.21
CA GLY B 264 -23.46 -0.76 12.70
C GLY B 264 -22.99 -0.93 11.27
N ILE B 265 -22.34 0.10 10.74
CA ILE B 265 -21.81 0.07 9.39
C ILE B 265 -20.38 0.61 9.29
N VAL B 266 -19.72 0.30 8.16
CA VAL B 266 -18.37 0.78 7.89
C VAL B 266 -18.33 1.56 6.58
N THR B 267 -17.61 2.68 6.60
CA THR B 267 -17.52 3.55 5.44
C THR B 267 -16.23 3.30 4.67
N VAL B 268 -16.22 3.64 3.40
CA VAL B 268 -15.03 3.46 2.57
C VAL B 268 -13.97 4.53 2.88
N ASP B 269 -14.36 5.61 3.54
CA ASP B 269 -13.40 6.64 3.89
C ASP B 269 -12.46 6.10 4.95
N ASP B 270 -13.02 5.27 5.82
CA ASP B 270 -12.27 4.68 6.91
C ASP B 270 -11.56 3.41 6.45
N VAL B 271 -12.14 2.74 5.46
CA VAL B 271 -11.55 1.52 4.91
C VAL B 271 -10.42 1.91 3.96
N LEU B 272 -10.37 3.19 3.64
CA LEU B 272 -9.36 3.73 2.75
C LEU B 272 -8.04 3.82 3.52
N ASP B 273 -8.13 4.43 4.70
CA ASP B 273 -7.00 4.51 5.61
C ASP B 273 -6.47 3.10 5.92
N VAL B 274 -7.38 2.17 6.20
CA VAL B 274 -6.99 0.79 6.41
C VAL B 274 -6.10 0.30 5.27
N LEU B 275 -6.63 0.32 4.05
CA LEU B 275 -5.86 -0.08 2.88
C LEU B 275 -4.42 0.46 2.92
N GLU B 276 -4.26 1.71 3.32
CA GLU B 276 -2.93 2.30 3.46
C GLU B 276 -2.15 1.56 4.53
N ALA B 277 -2.61 1.69 5.78
CA ALA B 277 -2.04 0.95 6.90
C ALA B 277 -1.59 -0.45 6.48
N GLU B 278 -2.54 -1.35 6.27
CA GLU B 278 -2.19 -2.73 5.94
C GLU B 278 -1.04 -2.85 4.93
N ALA B 279 -1.05 -1.98 3.92
CA ALA B 279 -0.02 -2.00 2.90
C ALA B 279 1.26 -1.40 3.45
N THR B 280 1.16 -0.17 3.92
CA THR B 280 2.30 0.56 4.50
C THR B 280 2.87 -0.10 5.76
N GLU B 281 2.17 -1.12 6.26
CA GLU B 281 2.72 -1.99 7.30
C GLU B 281 3.40 -3.16 6.63
N ASP B 282 2.78 -3.68 5.58
CA ASP B 282 3.42 -4.72 4.75
C ASP B 282 4.80 -4.26 4.30
N ILE B 283 4.95 -2.96 4.05
CA ILE B 283 6.19 -2.41 3.55
C ILE B 283 7.24 -2.44 4.67
N HIS B 284 6.88 -1.92 5.84
CA HIS B 284 7.77 -2.02 6.99
C HIS B 284 8.17 -3.48 7.20
N LYS B 285 7.20 -4.38 7.03
CA LYS B 285 7.45 -5.81 7.23
C LYS B 285 8.33 -6.42 6.13
N LEU B 286 8.66 -5.63 5.12
CA LEU B 286 9.66 -6.06 4.14
C LEU B 286 11.07 -5.75 4.63
N GLY B 287 11.22 -4.63 5.32
CA GLY B 287 12.52 -4.15 5.76
C GLY B 287 12.80 -4.50 7.21
N ALA B 288 12.29 -5.64 7.65
CA ALA B 288 12.61 -6.17 8.98
C ALA B 288 12.26 -5.21 10.11
N VAL B 289 11.41 -4.24 9.81
CA VAL B 289 10.78 -3.43 10.84
C VAL B 289 9.47 -4.09 11.18
N ASP B 290 9.19 -4.32 12.45
CA ASP B 290 7.98 -5.03 12.82
C ASP B 290 7.24 -4.38 13.98
N VAL B 291 6.65 -3.22 13.71
CA VAL B 291 5.76 -2.55 14.64
C VAL B 291 4.53 -2.13 13.87
N PRO B 292 3.34 -2.34 14.45
CA PRO B 292 2.05 -2.08 13.82
C PRO B 292 1.97 -0.74 13.08
N ASP B 293 1.43 0.28 13.73
CA ASP B 293 1.17 1.55 13.08
C ASP B 293 2.26 2.56 13.40
N LEU B 294 3.49 2.25 12.99
CA LEU B 294 4.67 3.06 13.31
C LEU B 294 4.69 4.37 12.53
N VAL B 295 4.61 5.49 13.25
CA VAL B 295 4.68 6.80 12.60
C VAL B 295 6.03 7.41 12.86
N TYR B 296 6.95 7.20 11.92
CA TYR B 296 8.32 7.68 12.03
C TYR B 296 8.39 9.14 12.46
N SER B 297 7.61 9.99 11.81
CA SER B 297 7.62 11.42 12.10
C SER B 297 7.46 11.72 13.60
N GLU B 298 6.77 10.82 14.31
CA GLU B 298 6.45 11.06 15.71
C GLU B 298 7.21 10.15 16.67
N ALA B 299 7.84 9.11 16.12
CA ALA B 299 8.61 8.16 16.93
C ALA B 299 10.08 8.56 17.06
N GLY B 300 10.53 8.69 18.30
CA GLY B 300 11.90 9.12 18.57
C GLY B 300 12.91 7.98 18.62
N PRO B 301 14.16 8.31 18.97
CA PRO B 301 15.27 7.36 18.98
C PRO B 301 14.91 6.04 19.64
N VAL B 302 14.74 6.05 20.96
CA VAL B 302 14.34 4.86 21.71
C VAL B 302 13.24 4.10 21.00
N ALA B 303 12.24 4.82 20.53
CA ALA B 303 11.09 4.22 19.87
C ALA B 303 11.50 3.43 18.64
N LEU B 304 12.23 4.08 17.75
CA LEU B 304 12.74 3.43 16.53
C LEU B 304 13.68 2.30 16.90
N TRP B 305 14.52 2.56 17.90
CA TRP B 305 15.45 1.56 18.39
C TRP B 305 14.68 0.31 18.78
N LEU B 306 13.58 0.50 19.52
CA LEU B 306 12.74 -0.60 19.98
C LEU B 306 12.13 -1.37 18.83
N ALA B 307 11.96 -0.69 17.70
CA ALA B 307 11.31 -1.27 16.54
C ALA B 307 12.26 -2.11 15.71
N ARG B 308 13.46 -1.59 15.50
CA ARG B 308 14.42 -2.20 14.58
C ARG B 308 15.31 -3.27 15.23
N VAL B 309 15.59 -3.09 16.52
CA VAL B 309 16.51 -3.97 17.24
C VAL B 309 16.16 -5.47 17.19
N ARG B 310 14.88 -5.79 17.36
CA ARG B 310 14.45 -7.18 17.45
C ARG B 310 14.91 -8.03 16.27
N TRP B 311 14.65 -7.55 15.05
CA TRP B 311 15.00 -8.31 13.85
C TRP B 311 16.46 -8.16 13.43
N LEU B 312 17.10 -7.10 13.92
CA LEU B 312 18.55 -6.97 13.77
C LEU B 312 19.23 -8.10 14.52
N VAL B 313 18.90 -8.26 15.79
CA VAL B 313 19.45 -9.35 16.58
C VAL B 313 19.19 -10.69 15.89
N ILE B 314 17.92 -11.09 15.85
CA ILE B 314 17.50 -12.31 15.17
C ILE B 314 18.40 -12.64 13.98
N LEU B 315 18.67 -11.64 13.16
CA LEU B 315 19.45 -11.83 11.94
C LEU B 315 20.96 -11.94 12.16
N ILE B 316 21.51 -11.13 13.05
CA ILE B 316 22.97 -11.15 13.25
C ILE B 316 23.42 -12.51 13.77
N LEU B 317 22.77 -13.01 14.80
CA LEU B 317 23.13 -14.30 15.34
C LEU B 317 22.44 -15.40 14.53
N THR B 318 22.09 -15.05 13.30
CA THR B 318 21.70 -16.02 12.29
C THR B 318 22.82 -16.01 11.26
N GLY B 319 23.44 -14.85 11.11
CA GLY B 319 24.54 -14.67 10.18
C GLY B 319 25.87 -15.08 10.78
N MET B 320 25.96 -15.05 12.09
CA MET B 320 27.16 -15.52 12.79
C MET B 320 27.52 -16.93 12.32
N VAL B 321 26.52 -17.65 11.83
CA VAL B 321 26.73 -19.00 11.33
C VAL B 321 27.73 -19.01 10.19
N THR B 322 27.97 -17.84 9.59
CA THR B 322 28.92 -17.73 8.51
C THR B 322 30.37 -17.61 9.01
N SER B 323 30.55 -17.01 10.19
CA SER B 323 31.87 -16.98 10.82
C SER B 323 32.40 -18.40 11.02
N SER B 324 31.63 -19.21 11.73
CA SER B 324 31.99 -20.60 11.95
C SER B 324 32.01 -21.40 10.66
N ILE B 325 31.26 -20.93 9.66
CA ILE B 325 31.26 -21.60 8.36
C ILE B 325 32.57 -21.30 7.65
N LEU B 326 33.12 -20.12 7.94
CA LEU B 326 34.37 -19.68 7.35
C LEU B 326 35.57 -20.39 7.97
N GLN B 327 35.50 -20.61 9.28
CA GLN B 327 36.63 -21.20 10.00
C GLN B 327 36.59 -22.71 10.06
N GLY B 328 35.48 -23.31 9.65
CA GLY B 328 35.41 -24.74 9.45
C GLY B 328 35.87 -25.01 8.02
N PHE B 329 36.31 -23.96 7.35
CA PHE B 329 36.71 -24.02 5.95
C PHE B 329 38.00 -23.25 5.69
N GLU B 330 38.70 -22.85 6.74
CA GLU B 330 39.95 -22.11 6.57
C GLU B 330 41.04 -23.00 5.98
N SER B 331 40.89 -24.30 6.16
CA SER B 331 41.83 -25.26 5.58
C SER B 331 41.73 -25.22 4.05
N VAL B 332 40.57 -24.80 3.55
CA VAL B 332 40.36 -24.67 2.11
C VAL B 332 40.69 -23.25 1.66
N LEU B 333 40.43 -22.29 2.54
CA LEU B 333 40.65 -20.88 2.23
C LEU B 333 42.15 -20.54 2.20
N GLU B 334 42.91 -21.21 3.05
CA GLU B 334 44.34 -20.93 3.19
C GLU B 334 45.13 -21.17 1.91
N ALA B 335 44.75 -22.20 1.16
CA ALA B 335 45.47 -22.59 -0.04
C ALA B 335 45.27 -21.64 -1.21
N VAL B 336 44.12 -20.99 -1.26
CA VAL B 336 43.81 -20.07 -2.35
C VAL B 336 43.44 -18.67 -1.84
N THR B 337 44.38 -17.75 -1.95
CA THR B 337 44.18 -16.37 -1.51
C THR B 337 43.11 -15.69 -2.35
N ALA B 338 43.22 -15.85 -3.67
CA ALA B 338 42.36 -15.17 -4.62
C ALA B 338 40.88 -15.54 -4.48
N LEU B 339 40.60 -16.46 -3.55
CA LEU B 339 39.26 -17.00 -3.41
C LEU B 339 38.32 -16.06 -2.65
N ALA B 340 38.71 -15.67 -1.45
CA ALA B 340 37.87 -14.84 -0.60
C ALA B 340 37.68 -13.44 -1.18
N PHE B 341 38.50 -13.08 -2.15
CA PHE B 341 38.39 -11.78 -2.81
C PHE B 341 37.01 -11.56 -3.42
N TYR B 342 36.31 -12.65 -3.69
CA TYR B 342 35.04 -12.60 -4.41
C TYR B 342 33.83 -12.88 -3.54
N VAL B 343 34.05 -13.31 -2.30
CA VAL B 343 32.97 -13.70 -1.40
C VAL B 343 31.81 -12.70 -1.37
N PRO B 344 32.10 -11.39 -1.26
CA PRO B 344 30.98 -10.44 -1.28
C PRO B 344 30.17 -10.51 -2.56
N VAL B 345 30.81 -10.31 -3.70
CA VAL B 345 30.13 -10.35 -5.00
C VAL B 345 29.31 -11.63 -5.19
N LEU B 346 29.70 -12.70 -4.50
CA LEU B 346 29.05 -13.99 -4.66
C LEU B 346 27.87 -14.16 -3.71
N LEU B 347 28.02 -13.64 -2.49
CA LEU B 347 27.00 -13.78 -1.45
C LEU B 347 25.90 -12.74 -1.60
N GLY B 348 26.32 -11.50 -1.82
CA GLY B 348 25.40 -10.37 -1.94
C GLY B 348 24.73 -10.24 -3.30
N THR B 349 24.92 -11.24 -4.16
CA THR B 349 24.22 -11.29 -5.42
C THR B 349 22.99 -12.17 -5.26
N GLY B 350 23.20 -13.41 -4.85
CA GLY B 350 22.11 -14.33 -4.61
C GLY B 350 21.16 -13.79 -3.56
N GLY B 351 21.69 -12.96 -2.66
CA GLY B 351 20.89 -12.31 -1.64
C GLY B 351 19.94 -11.29 -2.25
N ASN B 352 20.39 -10.63 -3.31
CA ASN B 352 19.53 -9.73 -4.07
C ASN B 352 18.55 -10.54 -4.91
N THR B 353 19.06 -11.57 -5.57
CA THR B 353 18.22 -12.48 -6.35
C THR B 353 17.06 -13.02 -5.52
N GLY B 354 17.35 -13.46 -4.30
CA GLY B 354 16.32 -13.96 -3.40
C GLY B 354 15.34 -12.88 -2.99
N ASN B 355 15.81 -11.64 -2.91
CA ASN B 355 14.95 -10.50 -2.60
C ASN B 355 13.91 -10.23 -3.67
N GLN B 356 14.30 -10.45 -4.92
CA GLN B 356 13.41 -10.25 -6.06
C GLN B 356 12.30 -11.30 -6.07
N SER B 357 12.68 -12.55 -6.26
CA SER B 357 11.69 -13.63 -6.28
C SER B 357 10.77 -13.52 -5.06
N ALA B 358 11.36 -13.14 -3.92
CA ALA B 358 10.59 -13.05 -2.68
C ALA B 358 9.48 -12.02 -2.76
N THR B 359 9.82 -10.79 -3.11
CA THR B 359 8.84 -9.71 -3.21
C THR B 359 7.64 -10.10 -4.08
N LEU B 360 7.87 -10.28 -5.38
CA LEU B 360 6.85 -10.69 -6.33
C LEU B 360 5.86 -11.71 -5.74
N ILE B 361 6.40 -12.82 -5.23
CA ILE B 361 5.55 -13.86 -4.63
C ILE B 361 4.80 -13.36 -3.40
N ILE B 362 5.49 -12.65 -2.52
CA ILE B 362 4.87 -12.11 -1.31
C ILE B 362 3.67 -11.22 -1.65
N ARG B 363 3.86 -10.33 -2.63
CA ARG B 363 2.79 -9.46 -3.09
C ARG B 363 1.73 -10.29 -3.78
N ALA B 364 2.17 -11.09 -4.75
CA ALA B 364 1.27 -11.98 -5.48
C ALA B 364 0.42 -12.83 -4.52
N LEU B 365 0.77 -12.82 -3.24
CA LEU B 365 0.00 -13.52 -2.23
C LEU B 365 -1.00 -12.59 -1.55
N ALA B 366 -0.52 -11.39 -1.21
CA ALA B 366 -1.34 -10.42 -0.48
C ALA B 366 -2.40 -9.75 -1.36
N THR B 367 -2.21 -9.84 -2.67
CA THR B 367 -3.16 -9.30 -3.63
C THR B 367 -4.16 -10.41 -4.00
N ARG B 368 -4.09 -11.52 -3.27
CA ARG B 368 -4.97 -12.66 -3.49
C ARG B 368 -4.72 -13.26 -4.88
N ASP B 369 -3.63 -12.82 -5.51
CA ASP B 369 -3.27 -13.26 -6.86
C ASP B 369 -2.81 -14.71 -6.92
N LEU B 370 -2.12 -15.17 -5.88
CA LEU B 370 -1.59 -16.52 -5.88
C LEU B 370 -2.26 -17.43 -4.87
N ASP B 371 -2.68 -18.59 -5.37
CA ASP B 371 -3.30 -19.62 -4.54
C ASP B 371 -2.21 -20.25 -3.67
N LEU B 372 -2.55 -20.58 -2.43
CA LEU B 372 -1.63 -21.31 -1.58
C LEU B 372 -1.21 -22.60 -2.28
N ARG B 373 -1.99 -23.00 -3.29
CA ARG B 373 -1.72 -24.21 -4.05
C ARG B 373 -1.12 -23.90 -5.42
N ASP B 374 -0.39 -22.79 -5.52
CA ASP B 374 0.32 -22.43 -6.74
C ASP B 374 1.82 -22.61 -6.55
N TRP B 375 2.21 -23.11 -5.38
CA TRP B 375 3.62 -23.22 -5.03
C TRP B 375 4.34 -24.24 -5.91
N ARG B 376 3.65 -25.30 -6.31
CA ARG B 376 4.25 -26.30 -7.19
C ARG B 376 4.43 -25.71 -8.58
N ARG B 377 3.62 -24.69 -8.88
CA ARG B 377 3.66 -24.03 -10.18
C ARG B 377 4.72 -22.92 -10.20
N VAL B 378 5.01 -22.38 -9.02
CA VAL B 378 6.06 -21.36 -8.87
C VAL B 378 7.43 -22.02 -8.73
N PHE B 379 7.48 -23.13 -8.02
CA PHE B 379 8.70 -23.91 -7.87
C PHE B 379 9.23 -24.31 -9.25
N LEU B 380 8.31 -24.61 -10.16
CA LEU B 380 8.67 -25.04 -11.52
C LEU B 380 8.94 -23.84 -12.42
N LYS B 381 8.19 -22.77 -12.21
CA LYS B 381 8.34 -21.57 -13.01
C LYS B 381 9.69 -20.91 -12.73
N GLU B 382 9.85 -20.43 -11.50
CA GLU B 382 11.08 -19.75 -11.10
C GLU B 382 12.33 -20.60 -11.34
N MET B 383 12.15 -21.91 -11.37
CA MET B 383 13.25 -22.85 -11.54
C MET B 383 14.12 -22.51 -12.75
N GLY B 384 13.48 -22.09 -13.84
CA GLY B 384 14.18 -21.80 -15.08
C GLY B 384 14.66 -20.37 -15.19
N VAL B 385 13.98 -19.46 -14.50
CA VAL B 385 14.33 -18.05 -14.54
C VAL B 385 15.60 -17.78 -13.74
N GLY B 386 15.76 -18.53 -12.64
CA GLY B 386 16.93 -18.39 -11.78
C GLY B 386 18.17 -19.01 -12.41
N LEU B 387 17.95 -19.94 -13.33
CA LEU B 387 19.04 -20.54 -14.09
C LEU B 387 19.36 -19.65 -15.28
N LEU B 388 18.33 -18.98 -15.80
CA LEU B 388 18.50 -18.07 -16.93
C LEU B 388 19.04 -16.73 -16.42
N LEU B 389 18.77 -16.44 -15.15
CA LEU B 389 19.34 -15.27 -14.50
C LEU B 389 20.77 -15.58 -14.08
N GLY B 390 20.96 -16.78 -13.56
CA GLY B 390 22.29 -17.23 -13.14
C GLY B 390 23.29 -17.10 -14.26
N LEU B 391 22.97 -17.66 -15.42
CA LEU B 391 23.89 -17.66 -16.55
C LEU B 391 24.26 -16.25 -17.01
N THR B 392 23.26 -15.44 -17.34
CA THR B 392 23.52 -14.08 -17.80
C THR B 392 24.41 -13.35 -16.80
N LEU B 393 24.25 -13.66 -15.53
CA LEU B 393 25.03 -13.01 -14.48
C LEU B 393 26.45 -13.56 -14.37
N SER B 394 26.60 -14.88 -14.48
CA SER B 394 27.92 -15.51 -14.41
C SER B 394 28.86 -15.00 -15.50
N PHE B 395 28.38 -14.98 -16.73
CA PHE B 395 29.15 -14.46 -17.86
C PHE B 395 29.75 -13.09 -17.54
N LEU B 396 29.11 -12.35 -16.64
CA LEU B 396 29.61 -11.05 -16.23
C LEU B 396 30.65 -11.16 -15.13
N LEU B 397 30.37 -11.96 -14.11
CA LEU B 397 31.30 -12.16 -13.00
C LEU B 397 32.55 -12.91 -13.47
N VAL B 398 32.34 -14.05 -14.12
CA VAL B 398 33.44 -14.79 -14.74
C VAL B 398 34.34 -13.85 -15.51
N GLY B 399 33.73 -12.91 -16.21
CA GLY B 399 34.46 -11.88 -16.94
C GLY B 399 35.48 -11.18 -16.05
N LYS B 400 35.02 -10.65 -14.91
CA LYS B 400 35.91 -9.97 -13.99
C LYS B 400 36.88 -10.93 -13.30
N VAL B 401 36.36 -12.01 -12.74
CA VAL B 401 37.19 -13.01 -12.08
C VAL B 401 38.44 -13.27 -12.92
N TYR B 402 38.21 -13.41 -14.23
CA TYR B 402 39.27 -13.59 -15.22
C TYR B 402 40.13 -12.33 -15.30
N TRP B 403 39.55 -11.27 -15.86
CA TRP B 403 40.21 -9.97 -15.99
C TRP B 403 40.91 -9.54 -14.70
N ASP B 404 40.22 -9.72 -13.58
CA ASP B 404 40.67 -9.25 -12.27
C ASP B 404 42.14 -9.56 -12.04
N GLY B 405 42.60 -10.68 -12.58
CA GLY B 405 43.97 -11.13 -12.39
C GLY B 405 44.00 -12.45 -11.66
N HIS B 406 43.01 -13.29 -11.92
CA HIS B 406 42.92 -14.59 -11.27
C HIS B 406 42.25 -15.63 -12.18
N PRO B 407 42.85 -15.87 -13.36
CA PRO B 407 42.37 -16.89 -14.29
C PRO B 407 42.49 -18.28 -13.70
N LEU B 408 43.16 -18.37 -12.55
CA LEU B 408 43.48 -19.64 -11.89
C LEU B 408 42.48 -20.77 -12.18
N LEU B 409 41.19 -20.48 -11.98
CA LEU B 409 40.11 -21.37 -12.39
C LEU B 409 38.76 -20.71 -12.15
N LEU B 410 38.12 -20.32 -13.23
CA LEU B 410 36.87 -19.57 -13.18
C LEU B 410 35.67 -20.39 -12.73
N PRO B 411 35.62 -21.69 -13.09
CA PRO B 411 34.51 -22.53 -12.63
C PRO B 411 34.31 -22.45 -11.11
N VAL B 412 35.40 -22.41 -10.36
CA VAL B 412 35.31 -22.34 -8.91
C VAL B 412 34.44 -21.16 -8.49
N VAL B 413 34.45 -20.10 -9.28
CA VAL B 413 33.66 -18.90 -9.00
C VAL B 413 32.42 -18.85 -9.87
N GLY B 414 32.62 -18.72 -11.18
CA GLY B 414 31.54 -18.62 -12.14
C GLY B 414 30.50 -19.72 -12.01
N VAL B 415 30.94 -20.95 -11.75
CA VAL B 415 30.01 -22.06 -11.60
C VAL B 415 29.26 -21.99 -10.28
N SER B 416 29.93 -21.52 -9.22
CA SER B 416 29.28 -21.31 -7.94
C SER B 416 28.16 -20.27 -8.06
N LEU B 417 28.44 -19.19 -8.78
CA LEU B 417 27.47 -18.10 -8.95
C LEU B 417 26.14 -18.61 -9.49
N VAL B 418 26.19 -19.46 -10.50
CA VAL B 418 24.98 -20.03 -11.08
C VAL B 418 24.23 -20.86 -10.04
N LEU B 419 24.97 -21.64 -9.25
CA LEU B 419 24.37 -22.50 -8.24
C LEU B 419 23.83 -21.74 -7.03
N ILE B 420 24.30 -20.51 -6.82
CA ILE B 420 23.76 -19.65 -5.77
C ILE B 420 22.53 -18.90 -6.27
N VAL B 421 22.67 -18.22 -7.40
CA VAL B 421 21.56 -17.48 -8.00
C VAL B 421 20.39 -18.41 -8.27
N PHE B 422 20.69 -19.69 -8.52
CA PHE B 422 19.65 -20.68 -8.73
C PHE B 422 18.95 -20.98 -7.42
N PHE B 423 19.71 -21.39 -6.42
CA PHE B 423 19.16 -21.79 -5.12
C PHE B 423 18.45 -20.64 -4.40
N ALA B 424 19.15 -19.52 -4.21
CA ALA B 424 18.61 -18.38 -3.48
C ALA B 424 17.27 -17.92 -4.03
N ASN B 425 17.14 -17.97 -5.36
CA ASN B 425 15.89 -17.63 -6.01
C ASN B 425 14.76 -18.54 -5.54
N LEU B 426 14.96 -19.84 -5.73
CA LEU B 426 13.98 -20.85 -5.34
C LEU B 426 13.71 -20.81 -3.83
N VAL B 427 14.55 -20.10 -3.09
CA VAL B 427 14.39 -20.01 -1.63
C VAL B 427 13.48 -18.86 -1.25
N GLY B 428 13.71 -17.70 -1.85
CA GLY B 428 12.90 -16.52 -1.59
C GLY B 428 11.49 -16.68 -2.15
N ALA B 429 11.32 -17.66 -3.03
CA ALA B 429 10.03 -17.94 -3.64
C ALA B 429 9.15 -18.83 -2.77
N MET B 430 9.74 -19.93 -2.28
CA MET B 430 8.98 -20.93 -1.53
C MET B 430 8.90 -20.63 -0.03
N LEU B 431 9.65 -19.64 0.42
CA LEU B 431 9.68 -19.31 1.85
C LEU B 431 8.39 -18.62 2.30
N PRO B 432 7.91 -17.65 1.50
CA PRO B 432 6.61 -17.02 1.77
C PRO B 432 5.47 -18.01 1.55
N PHE B 433 5.70 -19.00 0.69
CA PHE B 433 4.73 -20.07 0.48
C PHE B 433 4.59 -20.90 1.75
N LEU B 434 5.67 -21.57 2.13
CA LEU B 434 5.70 -22.35 3.36
C LEU B 434 5.15 -21.54 4.52
N LEU B 435 5.68 -20.33 4.68
CA LEU B 435 5.34 -19.48 5.82
C LEU B 435 3.83 -19.25 5.95
N ARG B 436 3.11 -19.45 4.85
CA ARG B 436 1.65 -19.31 4.86
C ARG B 436 0.98 -20.55 5.43
N ARG B 437 1.22 -21.70 4.81
CA ARG B 437 0.59 -22.96 5.21
C ARG B 437 0.73 -23.26 6.70
N LEU B 438 1.71 -22.64 7.34
CA LEU B 438 1.91 -22.80 8.78
C LEU B 438 0.99 -21.87 9.58
N GLY B 439 0.49 -20.84 8.92
CA GLY B 439 -0.41 -19.88 9.53
C GLY B 439 0.28 -18.60 9.96
N VAL B 440 1.27 -18.17 9.18
CA VAL B 440 2.10 -17.01 9.53
C VAL B 440 2.18 -16.02 8.38
N ASP B 441 2.23 -14.73 8.72
CA ASP B 441 2.25 -13.67 7.73
C ASP B 441 3.49 -13.78 6.85
N PRO B 442 3.30 -14.17 5.58
CA PRO B 442 4.39 -14.33 4.60
C PRO B 442 5.13 -13.02 4.35
N ALA B 443 4.62 -11.91 4.87
CA ALA B 443 5.30 -10.63 4.75
C ALA B 443 6.40 -10.55 5.81
N LEU B 444 6.70 -11.70 6.40
CA LEU B 444 7.68 -11.80 7.48
C LEU B 444 8.99 -12.33 6.89
N VAL B 445 8.87 -12.89 5.68
CA VAL B 445 10.03 -13.22 4.86
C VAL B 445 10.65 -11.92 4.36
N SER B 446 11.03 -11.06 5.29
CA SER B 446 11.59 -9.75 4.99
C SER B 446 12.88 -9.85 4.19
N ASN B 447 13.17 -8.83 3.40
CA ASN B 447 14.38 -8.81 2.58
C ASN B 447 15.66 -9.09 3.38
N PRO B 448 15.93 -8.28 4.42
CA PRO B 448 17.07 -8.57 5.31
C PRO B 448 17.15 -10.05 5.68
N LEU B 449 16.05 -10.65 6.11
CA LEU B 449 16.04 -12.07 6.44
C LEU B 449 16.45 -12.93 5.25
N VAL B 450 16.02 -12.54 4.06
CA VAL B 450 16.30 -13.32 2.86
C VAL B 450 17.80 -13.29 2.54
N ALA B 451 18.43 -12.15 2.77
CA ALA B 451 19.88 -12.01 2.57
C ALA B 451 20.65 -12.78 3.64
N THR B 452 20.41 -12.44 4.89
CA THR B 452 21.03 -13.12 6.03
C THR B 452 20.95 -14.63 5.89
N LEU B 453 19.81 -15.12 5.40
CA LEU B 453 19.62 -16.55 5.22
C LEU B 453 20.35 -17.01 3.97
N SER B 454 20.54 -16.09 3.02
CA SER B 454 21.20 -16.40 1.75
C SER B 454 22.72 -16.36 1.86
N ASP B 455 23.20 -15.83 2.98
CA ASP B 455 24.61 -15.91 3.30
C ASP B 455 24.91 -17.31 3.82
N VAL B 456 24.24 -17.68 4.90
CA VAL B 456 24.37 -18.99 5.51
C VAL B 456 24.24 -20.13 4.50
N THR B 457 23.71 -19.83 3.33
CA THR B 457 23.62 -20.84 2.27
C THR B 457 24.60 -20.56 1.15
N GLY B 458 24.76 -19.28 0.83
CA GLY B 458 25.66 -18.87 -0.23
C GLY B 458 27.03 -19.47 -0.05
N LEU B 459 27.58 -19.32 1.15
CA LEU B 459 28.91 -19.85 1.47
C LEU B 459 28.97 -21.35 1.29
N LEU B 460 28.10 -22.08 1.99
CA LEU B 460 28.07 -23.53 1.90
C LEU B 460 28.21 -24.02 0.45
N ILE B 461 27.50 -23.36 -0.46
CA ILE B 461 27.57 -23.71 -1.88
C ILE B 461 28.95 -23.39 -2.44
N TYR B 462 29.38 -22.14 -2.24
CA TYR B 462 30.65 -21.67 -2.77
C TYR B 462 31.86 -22.43 -2.22
N LEU B 463 31.96 -22.51 -0.90
CA LEU B 463 33.10 -23.16 -0.26
C LEU B 463 33.09 -24.67 -0.45
N SER B 464 32.09 -25.19 -1.16
CA SER B 464 32.07 -26.59 -1.53
C SER B 464 32.52 -26.76 -2.98
N VAL B 465 32.25 -25.74 -3.80
CA VAL B 465 32.73 -25.72 -5.17
C VAL B 465 34.20 -25.28 -5.17
N ALA B 466 34.73 -25.02 -3.98
CA ALA B 466 36.14 -24.68 -3.81
C ALA B 466 36.83 -25.76 -2.98
N ARG B 467 36.04 -26.70 -2.47
CA ARG B 467 36.56 -27.87 -1.78
C ARG B 467 36.70 -29.00 -2.79
N LEU B 468 35.84 -28.98 -3.79
CA LEU B 468 35.85 -30.00 -4.83
C LEU B 468 36.74 -29.58 -5.99
N LEU B 469 36.58 -28.35 -6.46
CA LEU B 469 37.32 -27.86 -7.61
C LEU B 469 38.80 -27.67 -7.26
N LEU B 470 39.12 -27.75 -5.97
CA LEU B 470 40.49 -27.61 -5.50
C LEU B 470 41.21 -28.95 -5.44
N GLU B 471 40.58 -29.92 -4.80
CA GLU B 471 41.19 -31.24 -4.60
C GLU B 471 41.50 -31.92 -5.95
#